data_1ESJ
#
_entry.id   1ESJ
#
_cell.length_a   53.06
_cell.length_b   100.89
_cell.length_c   73.07
_cell.angle_alpha   90
_cell.angle_beta   96.02
_cell.angle_gamma   90
#
_symmetry.space_group_name_H-M   'P 1 21 1'
#
loop_
_entity.id
_entity.type
_entity.pdbx_description
1 polymer 'HYDROXYETHYLTHIAZOLE KINASE'
2 non-polymer 'SULFATE ION'
3 water water
#
_entity_poly.entity_id   1
_entity_poly.type   'polypeptide(L)'
_entity_poly.pdbx_seq_one_letter_code
;MRGSHHHHHHGSMDAQSAAKCLTAVRRHSPLVHSITNNVVTNFTANGLLALGASPVMAYAKEEVADMAKIAGALVLNIGT
LSKESVEAMIIAGKSANEHGVPVILDPVGAGATPFRTESARDIIREVRLAAIRGNAAEIAHTVGVTDWLIKGVDAGEGGG
DIIRLAQQAAQKLNTVIAITGEVDVIADTSHVYTLHNGHKLLTKVTGAGSLLTSVVGAFCAVEENPLFAAIAAISSYGVA
AQLAAQQTADKGPGSFQIELLNKLSTVTEQDVQEWATIERVTVS
;
_entity_poly.pdbx_strand_id   A,B,C
#
loop_
_chem_comp.id
_chem_comp.type
_chem_comp.name
_chem_comp.formula
SO4 non-polymer 'SULFATE ION' 'O4 S -2'
#
# COMPACT_ATOMS: atom_id res chain seq x y z
N MET A 1 20.04 -15.19 -16.52
CA MET A 1 18.89 -16.11 -16.80
C MET A 1 18.14 -15.73 -18.08
N ARG A 2 18.62 -14.71 -18.77
CA ARG A 2 17.99 -14.25 -20.00
C ARG A 2 18.21 -15.22 -21.16
N GLY A 3 17.40 -16.28 -21.20
CA GLY A 3 17.52 -17.26 -22.26
C GLY A 3 16.53 -17.01 -23.38
N SER A 4 16.52 -17.89 -24.38
CA SER A 4 15.61 -17.74 -25.52
C SER A 4 14.61 -18.89 -25.58
N HIS A 5 13.33 -18.55 -25.77
CA HIS A 5 12.28 -19.56 -25.86
C HIS A 5 11.67 -19.54 -27.25
N HIS A 6 12.14 -18.61 -28.07
CA HIS A 6 11.65 -18.48 -29.43
C HIS A 6 12.74 -17.84 -30.28
N HIS A 7 13.38 -18.65 -31.13
CA HIS A 7 14.43 -18.17 -32.00
C HIS A 7 13.77 -17.45 -33.16
N HIS A 8 14.04 -16.15 -33.29
CA HIS A 8 13.44 -15.36 -34.35
C HIS A 8 13.99 -15.69 -35.74
N HIS A 9 13.23 -16.51 -36.47
CA HIS A 9 13.57 -16.93 -37.83
C HIS A 9 12.65 -18.08 -38.19
N HIS A 10 12.10 -18.74 -37.18
CA HIS A 10 11.19 -19.85 -37.38
C HIS A 10 9.77 -19.33 -37.53
N GLY A 11 9.57 -18.05 -37.21
CA GLY A 11 8.26 -17.44 -37.32
C GLY A 11 8.04 -16.37 -36.26
N SER A 12 6.90 -15.69 -36.37
CA SER A 12 6.57 -14.63 -35.43
C SER A 12 6.07 -15.17 -34.09
N MET A 13 6.08 -14.30 -33.08
CA MET A 13 5.64 -14.66 -31.74
C MET A 13 4.18 -15.13 -31.74
N ASP A 14 3.89 -16.20 -31.00
CA ASP A 14 2.53 -16.71 -30.94
C ASP A 14 2.09 -17.06 -29.51
N ALA A 15 0.82 -17.40 -29.35
CA ALA A 15 0.29 -17.74 -28.03
C ALA A 15 0.98 -18.95 -27.41
N GLN A 16 1.48 -19.85 -28.25
CA GLN A 16 2.17 -21.04 -27.76
C GLN A 16 3.51 -20.66 -27.14
N SER A 17 4.25 -19.81 -27.84
CA SER A 17 5.55 -19.37 -27.36
C SER A 17 5.42 -18.43 -26.16
N ALA A 18 4.36 -17.64 -26.14
CA ALA A 18 4.13 -16.72 -25.03
C ALA A 18 3.87 -17.55 -23.78
N ALA A 19 3.10 -18.63 -23.94
CA ALA A 19 2.78 -19.50 -22.81
C ALA A 19 4.03 -20.13 -22.22
N LYS A 20 4.95 -20.56 -23.07
CA LYS A 20 6.17 -21.18 -22.59
C LYS A 20 7.02 -20.17 -21.80
N CYS A 21 6.95 -18.90 -22.16
CA CYS A 21 7.71 -17.86 -21.44
C CYS A 21 7.18 -17.75 -20.01
N LEU A 22 5.87 -17.89 -19.85
CA LEU A 22 5.25 -17.82 -18.52
C LEU A 22 5.84 -18.93 -17.65
N THR A 23 5.90 -20.14 -18.19
CA THR A 23 6.43 -21.26 -17.41
C THR A 23 7.89 -21.01 -17.03
N ALA A 24 8.63 -20.36 -17.93
CA ALA A 24 10.03 -20.05 -17.68
C ALA A 24 10.17 -19.06 -16.53
N VAL A 25 9.25 -18.10 -16.46
CA VAL A 25 9.28 -17.12 -15.39
C VAL A 25 9.05 -17.82 -14.06
N ARG A 26 8.09 -18.73 -14.02
CA ARG A 26 7.80 -19.44 -12.79
C ARG A 26 8.92 -20.38 -12.43
N ARG A 27 9.60 -20.91 -13.44
CA ARG A 27 10.70 -21.83 -13.18
C ARG A 27 11.89 -21.11 -12.52
N HIS A 28 12.19 -19.91 -12.98
CA HIS A 28 13.34 -19.17 -12.45
C HIS A 28 13.08 -18.15 -11.34
N SER A 29 11.82 -17.75 -11.17
CA SER A 29 11.46 -16.78 -10.13
C SER A 29 12.46 -15.63 -10.17
N PRO A 30 12.56 -14.94 -11.31
CA PRO A 30 13.50 -13.83 -11.46
C PRO A 30 13.35 -12.73 -10.41
N LEU A 31 14.47 -12.21 -9.95
CA LEU A 31 14.48 -11.12 -8.97
C LEU A 31 14.21 -9.84 -9.74
N VAL A 32 13.05 -9.23 -9.49
CA VAL A 32 12.69 -8.00 -10.17
C VAL A 32 12.82 -6.83 -9.23
N HIS A 33 13.79 -5.98 -9.49
CA HIS A 33 14.03 -4.79 -8.68
C HIS A 33 13.17 -3.65 -9.20
N SER A 34 12.23 -3.20 -8.39
CA SER A 34 11.36 -2.09 -8.79
C SER A 34 11.61 -0.87 -7.94
N ILE A 35 11.80 0.27 -8.61
CA ILE A 35 11.98 1.54 -7.95
C ILE A 35 10.69 2.22 -8.36
N THR A 36 9.78 2.37 -7.39
CA THR A 36 8.46 2.92 -7.68
C THR A 36 7.91 3.67 -6.46
N ASN A 37 6.62 4.03 -6.51
CA ASN A 37 6.00 4.78 -5.42
C ASN A 37 5.13 3.97 -4.48
N ASN A 38 4.88 4.54 -3.30
CA ASN A 38 4.09 3.86 -2.28
C ASN A 38 2.61 3.67 -2.57
N VAL A 39 2.12 4.25 -3.66
CA VAL A 39 0.71 4.06 -3.98
C VAL A 39 0.52 2.70 -4.64
N VAL A 40 1.55 2.22 -5.32
CA VAL A 40 1.46 0.95 -6.02
C VAL A 40 2.49 -0.12 -5.64
N THR A 41 3.34 0.15 -4.65
CA THR A 41 4.35 -0.83 -4.26
C THR A 41 3.79 -2.19 -3.83
N ASN A 42 2.81 -2.16 -2.93
CA ASN A 42 2.23 -3.39 -2.41
C ASN A 42 1.56 -4.27 -3.48
N PHE A 43 0.79 -3.65 -4.38
CA PHE A 43 0.14 -4.43 -5.43
C PHE A 43 1.16 -4.96 -6.43
N THR A 44 2.21 -4.18 -6.69
CA THR A 44 3.26 -4.61 -7.61
C THR A 44 3.99 -5.82 -7.06
N ALA A 45 4.31 -5.78 -5.76
CA ALA A 45 5.01 -6.89 -5.13
C ALA A 45 4.11 -8.12 -5.07
N ASN A 46 2.87 -7.94 -4.63
CA ASN A 46 1.95 -9.08 -4.55
C ASN A 46 1.66 -9.69 -5.92
N GLY A 47 1.60 -8.84 -6.93
CA GLY A 47 1.33 -9.31 -8.28
C GLY A 47 2.49 -10.16 -8.79
N LEU A 48 3.70 -9.70 -8.53
CA LEU A 48 4.89 -10.42 -8.94
C LEU A 48 5.00 -11.75 -8.19
N LEU A 49 4.70 -11.73 -6.89
CA LEU A 49 4.75 -12.95 -6.10
C LEU A 49 3.73 -13.96 -6.62
N ALA A 50 2.54 -13.47 -6.96
CA ALA A 50 1.49 -14.35 -7.48
C ALA A 50 1.91 -14.97 -8.79
N LEU A 51 2.49 -14.16 -9.66
CA LEU A 51 2.97 -14.59 -10.97
C LEU A 51 4.00 -15.70 -10.85
N GLY A 52 4.90 -15.55 -9.89
CA GLY A 52 5.95 -16.54 -9.69
C GLY A 52 7.32 -15.90 -9.73
N ALA A 53 7.38 -14.57 -9.67
CA ALA A 53 8.65 -13.85 -9.68
C ALA A 53 8.98 -13.41 -8.25
N SER A 54 10.18 -12.87 -8.06
CA SER A 54 10.63 -12.41 -6.74
C SER A 54 10.83 -10.90 -6.75
N PRO A 55 9.96 -10.17 -6.05
CA PRO A 55 10.05 -8.71 -6.00
C PRO A 55 10.97 -8.16 -4.94
N VAL A 56 11.69 -7.11 -5.29
CA VAL A 56 12.54 -6.44 -4.34
C VAL A 56 12.40 -4.95 -4.62
N MET A 57 12.10 -4.19 -3.57
CA MET A 57 11.95 -2.75 -3.65
C MET A 57 13.10 -2.12 -2.86
N ALA A 58 13.88 -1.31 -3.54
CA ALA A 58 15.02 -0.63 -2.93
C ALA A 58 15.14 0.68 -3.68
N TYR A 59 15.25 1.80 -2.96
CA TYR A 59 15.32 3.13 -3.57
C TYR A 59 16.50 3.99 -3.13
N ALA A 60 17.09 3.65 -1.98
CA ALA A 60 18.20 4.43 -1.45
C ALA A 60 19.41 4.46 -2.39
N LYS A 61 19.96 5.66 -2.60
CA LYS A 61 21.11 5.81 -3.47
C LYS A 61 22.30 5.02 -2.92
N GLU A 62 22.24 4.69 -1.63
CA GLU A 62 23.29 3.92 -0.99
C GLU A 62 23.26 2.43 -1.37
N GLU A 63 22.16 1.98 -1.96
CA GLU A 63 22.08 0.57 -2.33
C GLU A 63 21.47 0.22 -3.69
N VAL A 64 20.83 1.17 -4.37
CA VAL A 64 20.24 0.82 -5.67
C VAL A 64 21.21 0.22 -6.67
N ALA A 65 22.46 0.71 -6.71
CA ALA A 65 23.43 0.17 -7.66
C ALA A 65 23.73 -1.30 -7.34
N ASP A 66 23.90 -1.59 -6.06
CA ASP A 66 24.21 -2.94 -5.61
C ASP A 66 23.03 -3.90 -5.80
N MET A 67 21.82 -3.40 -5.62
CA MET A 67 20.64 -4.24 -5.78
C MET A 67 20.37 -4.50 -7.27
N ALA A 68 20.48 -3.45 -8.09
CA ALA A 68 20.21 -3.61 -9.51
C ALA A 68 21.15 -4.61 -10.19
N LYS A 69 22.43 -4.59 -9.82
CA LYS A 69 23.40 -5.48 -10.47
C LYS A 69 23.17 -6.98 -10.20
N ILE A 70 22.42 -7.31 -9.15
CA ILE A 70 22.14 -8.71 -8.86
C ILE A 70 20.71 -9.09 -9.22
N ALA A 71 19.96 -8.13 -9.76
CA ALA A 71 18.57 -8.38 -10.16
C ALA A 71 18.51 -9.02 -11.53
N GLY A 72 17.36 -9.62 -11.86
CA GLY A 72 17.18 -10.23 -13.16
C GLY A 72 16.71 -9.16 -14.14
N ALA A 73 16.08 -8.12 -13.59
CA ALA A 73 15.60 -6.99 -14.38
C ALA A 73 15.37 -5.83 -13.43
N LEU A 74 15.54 -4.62 -13.95
CA LEU A 74 15.32 -3.41 -13.18
C LEU A 74 14.11 -2.69 -13.78
N VAL A 75 13.18 -2.27 -12.95
CA VAL A 75 12.00 -1.56 -13.44
C VAL A 75 11.89 -0.19 -12.80
N LEU A 76 11.85 0.85 -13.63
CA LEU A 76 11.76 2.23 -13.16
C LEU A 76 10.37 2.77 -13.41
N ASN A 77 9.73 3.25 -12.36
CA ASN A 77 8.37 3.79 -12.45
C ASN A 77 8.40 5.20 -11.87
N ILE A 78 8.08 6.20 -12.69
CA ILE A 78 8.09 7.59 -12.25
C ILE A 78 6.76 8.07 -11.70
N GLY A 79 5.90 7.12 -11.32
CA GLY A 79 4.59 7.43 -10.77
C GLY A 79 4.44 8.68 -9.91
N THR A 80 4.86 8.60 -8.65
CA THR A 80 4.77 9.77 -7.76
C THR A 80 6.19 9.97 -7.30
N LEU A 81 7.00 10.44 -8.24
CA LEU A 81 8.42 10.64 -8.01
C LEU A 81 8.76 11.86 -7.18
N SER A 82 10.06 11.98 -6.92
CA SER A 82 10.64 13.07 -6.17
C SER A 82 11.99 13.23 -6.87
N LYS A 83 12.61 14.40 -6.73
CA LYS A 83 13.91 14.61 -7.37
C LYS A 83 14.87 13.55 -6.88
N GLU A 84 14.70 13.12 -5.63
CA GLU A 84 15.58 12.11 -5.06
C GLU A 84 15.44 10.73 -5.72
N SER A 85 14.22 10.27 -5.95
CA SER A 85 14.05 8.96 -6.56
C SER A 85 14.48 8.91 -8.02
N VAL A 86 14.33 10.02 -8.75
CA VAL A 86 14.75 10.03 -10.14
C VAL A 86 16.26 9.85 -10.17
N GLU A 87 16.93 10.54 -9.26
CA GLU A 87 18.38 10.47 -9.12
C GLU A 87 18.79 9.01 -8.89
N ALA A 88 18.04 8.34 -8.01
CA ALA A 88 18.30 6.95 -7.68
C ALA A 88 18.01 6.02 -8.86
N MET A 89 16.94 6.30 -9.60
CA MET A 89 16.58 5.47 -10.75
C MET A 89 17.69 5.48 -11.80
N ILE A 90 18.31 6.64 -11.99
CA ILE A 90 19.37 6.76 -12.98
C ILE A 90 20.61 6.03 -12.50
N ILE A 91 20.89 6.13 -11.20
CA ILE A 91 22.04 5.44 -10.63
C ILE A 91 21.85 3.94 -10.82
N ALA A 92 20.65 3.46 -10.51
CA ALA A 92 20.35 2.04 -10.64
C ALA A 92 20.41 1.59 -12.09
N GLY A 93 19.90 2.43 -12.98
CA GLY A 93 19.89 2.12 -14.40
C GLY A 93 21.27 1.96 -14.97
N LYS A 94 22.18 2.87 -14.58
CA LYS A 94 23.55 2.80 -15.07
C LYS A 94 24.23 1.55 -14.56
N SER A 95 23.94 1.17 -13.31
CA SER A 95 24.52 -0.03 -12.74
C SER A 95 24.02 -1.24 -13.52
N ALA A 96 22.71 -1.27 -13.75
CA ALA A 96 22.09 -2.37 -14.49
C ALA A 96 22.73 -2.47 -15.87
N ASN A 97 22.93 -1.32 -16.50
CA ASN A 97 23.52 -1.30 -17.84
C ASN A 97 24.92 -1.93 -17.86
N GLU A 98 25.74 -1.60 -16.87
CA GLU A 98 27.08 -2.14 -16.81
C GLU A 98 27.12 -3.65 -16.58
N HIS A 99 26.01 -4.21 -16.10
CA HIS A 99 25.97 -5.64 -15.83
C HIS A 99 24.99 -6.44 -16.70
N GLY A 100 24.51 -5.82 -17.77
CA GLY A 100 23.60 -6.49 -18.67
C GLY A 100 22.25 -6.84 -18.08
N VAL A 101 21.81 -6.07 -17.09
CA VAL A 101 20.51 -6.30 -16.47
C VAL A 101 19.49 -5.45 -17.23
N PRO A 102 18.48 -6.09 -17.84
CA PRO A 102 17.48 -5.31 -18.59
C PRO A 102 16.73 -4.30 -17.72
N VAL A 103 16.56 -3.10 -18.26
CA VAL A 103 15.86 -2.04 -17.55
C VAL A 103 14.59 -1.70 -18.30
N ILE A 104 13.47 -1.68 -17.58
CA ILE A 104 12.18 -1.33 -18.14
C ILE A 104 11.72 -0.03 -17.48
N LEU A 105 11.19 0.89 -18.29
CA LEU A 105 10.71 2.18 -17.82
C LEU A 105 9.19 2.36 -18.02
N ASP A 106 8.53 2.86 -16.98
CA ASP A 106 7.10 3.14 -17.02
C ASP A 106 7.03 4.66 -16.87
N PRO A 107 6.84 5.38 -17.97
CA PRO A 107 6.77 6.84 -17.93
C PRO A 107 5.43 7.42 -17.49
N VAL A 108 4.82 6.80 -16.48
CA VAL A 108 3.52 7.26 -15.99
C VAL A 108 3.43 8.76 -15.78
N GLY A 109 2.46 9.38 -16.44
CA GLY A 109 2.26 10.81 -16.28
C GLY A 109 3.12 11.74 -17.11
N ALA A 110 4.01 11.19 -17.94
CA ALA A 110 4.86 12.03 -18.77
C ALA A 110 3.97 12.86 -19.70
N GLY A 111 4.17 14.17 -19.69
CA GLY A 111 3.38 15.05 -20.53
C GLY A 111 2.25 15.74 -19.79
N ALA A 112 1.72 15.11 -18.74
CA ALA A 112 0.63 15.69 -17.97
C ALA A 112 1.11 16.82 -17.08
N THR A 113 2.42 16.85 -16.84
CA THR A 113 3.05 17.88 -16.00
C THR A 113 4.52 17.98 -16.42
N PRO A 114 5.13 19.18 -16.30
CA PRO A 114 6.53 19.43 -16.67
C PRO A 114 7.60 18.57 -16.00
N PHE A 115 7.65 18.57 -14.66
CA PHE A 115 8.67 17.80 -13.97
C PHE A 115 8.65 16.30 -14.33
N ARG A 116 7.47 15.74 -14.54
CA ARG A 116 7.35 14.32 -14.87
C ARG A 116 7.92 14.07 -16.27
N THR A 117 7.59 14.97 -17.18
CA THR A 117 8.06 14.87 -18.56
C THR A 117 9.57 14.94 -18.62
N GLU A 118 10.16 15.93 -17.94
CA GLU A 118 11.61 16.09 -17.93
C GLU A 118 12.30 14.89 -17.28
N SER A 119 11.72 14.40 -16.19
CA SER A 119 12.31 13.26 -15.50
C SER A 119 12.30 12.04 -16.41
N ALA A 120 11.26 11.90 -17.23
CA ALA A 120 11.17 10.78 -18.16
C ALA A 120 12.30 10.88 -19.19
N ARG A 121 12.58 12.10 -19.64
CA ARG A 121 13.62 12.33 -20.63
C ARG A 121 15.04 12.15 -20.10
N ASP A 122 15.27 12.51 -18.85
CA ASP A 122 16.60 12.35 -18.27
C ASP A 122 16.96 10.87 -18.18
N ILE A 123 15.99 10.05 -17.78
CA ILE A 123 16.21 8.62 -17.65
C ILE A 123 16.60 7.99 -18.97
N ILE A 124 15.82 8.29 -20.01
CA ILE A 124 16.07 7.76 -21.34
C ILE A 124 17.42 8.26 -21.85
N ARG A 125 17.80 9.46 -21.42
CA ARG A 125 19.06 10.05 -21.84
C ARG A 125 20.25 9.39 -21.15
N GLU A 126 20.07 9.02 -19.89
CA GLU A 126 21.14 8.42 -19.10
C GLU A 126 21.15 6.90 -18.99
N VAL A 127 20.03 6.26 -19.32
CA VAL A 127 19.93 4.81 -19.20
C VAL A 127 19.49 4.11 -20.47
N ARG A 128 20.19 3.04 -20.85
CA ARG A 128 19.81 2.25 -22.02
C ARG A 128 18.64 1.42 -21.53
N LEU A 129 17.53 1.45 -22.24
CA LEU A 129 16.33 0.71 -21.83
C LEU A 129 16.03 -0.49 -22.72
N ALA A 130 15.54 -1.57 -22.11
CA ALA A 130 15.20 -2.77 -22.86
C ALA A 130 13.79 -2.58 -23.41
N ALA A 131 13.00 -1.80 -22.68
CA ALA A 131 11.63 -1.53 -23.09
C ALA A 131 11.02 -0.37 -22.29
N ILE A 132 9.99 0.24 -22.87
CA ILE A 132 9.25 1.33 -22.26
C ILE A 132 7.77 0.96 -22.38
N ARG A 133 7.06 1.01 -21.26
CA ARG A 133 5.65 0.65 -21.24
C ARG A 133 4.81 1.85 -20.77
N GLY A 134 3.99 2.40 -21.67
CA GLY A 134 3.16 3.54 -21.32
C GLY A 134 2.03 3.69 -22.32
N ASN A 135 1.13 4.66 -22.11
CA ASN A 135 0.04 4.86 -23.06
C ASN A 135 0.49 5.77 -24.20
N ALA A 136 -0.33 5.86 -25.23
CA ALA A 136 -0.01 6.65 -26.41
C ALA A 136 0.50 8.06 -26.09
N ALA A 137 -0.19 8.74 -25.19
CA ALA A 137 0.19 10.10 -24.80
C ALA A 137 1.57 10.17 -24.16
N GLU A 138 1.76 9.38 -23.10
CA GLU A 138 3.03 9.38 -22.39
C GLU A 138 4.18 9.06 -23.34
N ILE A 139 3.97 8.11 -24.24
CA ILE A 139 5.01 7.75 -25.20
C ILE A 139 5.29 8.94 -26.11
N ALA A 140 4.23 9.55 -26.62
CA ALA A 140 4.36 10.70 -27.51
C ALA A 140 5.07 11.86 -26.81
N HIS A 141 4.54 12.26 -25.66
CA HIS A 141 5.11 13.37 -24.88
C HIS A 141 6.53 13.10 -24.41
N THR A 142 6.89 11.83 -24.29
CA THR A 142 8.23 11.46 -23.85
C THR A 142 9.27 11.49 -24.97
N VAL A 143 8.87 11.09 -26.17
CA VAL A 143 9.78 11.09 -27.30
C VAL A 143 9.68 12.40 -28.10
N GLY A 144 8.53 13.03 -28.05
CA GLY A 144 8.32 14.26 -28.78
C GLY A 144 8.98 15.50 -28.18
N VAL A 145 10.29 15.60 -28.34
CA VAL A 145 11.03 16.75 -27.82
C VAL A 145 10.42 18.04 -28.37
N THR A 146 9.94 17.98 -29.62
CA THR A 146 9.30 19.11 -30.26
C THR A 146 7.87 18.70 -30.59
N ASP A 147 7.01 19.69 -30.82
CA ASP A 147 5.62 19.41 -31.14
C ASP A 147 5.42 18.86 -32.54
N TRP A 148 6.50 18.79 -33.33
CA TRP A 148 6.41 18.25 -34.69
C TRP A 148 7.16 16.94 -34.84
N LEU A 149 7.99 16.62 -33.85
CA LEU A 149 8.78 15.39 -33.87
C LEU A 149 7.94 14.21 -34.32
N ILE A 150 6.78 14.04 -33.70
CA ILE A 150 5.88 12.95 -34.06
C ILE A 150 5.05 13.40 -35.25
N LYS A 151 5.18 12.68 -36.36
CA LYS A 151 4.43 13.02 -37.56
C LYS A 151 3.34 11.99 -37.83
N GLY A 152 2.37 12.36 -38.66
CA GLY A 152 1.28 11.44 -38.98
C GLY A 152 -0.06 12.11 -39.08
N VAL A 153 -1.03 11.58 -38.33
CA VAL A 153 -2.38 12.13 -38.31
C VAL A 153 -2.97 12.02 -36.91
N ASP A 154 -3.69 13.06 -36.50
CA ASP A 154 -4.31 13.08 -35.17
C ASP A 154 -5.82 12.84 -35.27
N ALA A 155 -6.31 11.95 -34.41
CA ALA A 155 -7.74 11.62 -34.40
C ALA A 155 -8.12 10.93 -33.09
N GLY A 156 -9.40 10.58 -32.97
CA GLY A 156 -9.87 9.92 -31.78
C GLY A 156 -9.32 8.52 -31.62
N GLU A 157 -9.24 8.04 -30.39
CA GLU A 157 -8.72 6.71 -30.10
C GLU A 157 -7.33 6.54 -30.72
N GLY A 158 -7.27 5.86 -31.85
CA GLY A 158 -5.99 5.65 -32.51
C GLY A 158 -5.56 4.19 -32.56
N GLY A 159 -4.58 3.91 -33.41
CA GLY A 159 -4.07 2.56 -33.55
C GLY A 159 -3.08 2.46 -34.69
N GLY A 160 -3.48 2.93 -35.87
CA GLY A 160 -2.61 2.89 -37.03
C GLY A 160 -1.58 3.97 -36.81
N ASP A 161 -2.04 5.15 -36.43
CA ASP A 161 -1.14 6.24 -36.14
C ASP A 161 -0.37 5.76 -34.92
N ILE A 162 -0.99 4.89 -34.14
CA ILE A 162 -0.37 4.32 -32.96
C ILE A 162 0.72 3.35 -33.39
N ILE A 163 0.49 2.66 -34.51
CA ILE A 163 1.48 1.73 -35.03
C ILE A 163 2.71 2.52 -35.47
N ARG A 164 2.48 3.61 -36.20
CA ARG A 164 3.58 4.46 -36.66
C ARG A 164 4.23 5.15 -35.46
N LEU A 165 3.43 5.45 -34.45
CA LEU A 165 3.94 6.09 -33.24
C LEU A 165 4.95 5.14 -32.59
N ALA A 166 4.56 3.88 -32.47
CA ALA A 166 5.41 2.86 -31.85
C ALA A 166 6.71 2.59 -32.62
N GLN A 167 6.64 2.58 -33.95
CA GLN A 167 7.83 2.33 -34.76
C GLN A 167 8.78 3.52 -34.66
N GLN A 168 8.22 4.71 -34.72
CA GLN A 168 9.02 5.94 -34.64
C GLN A 168 9.75 6.00 -33.31
N ALA A 169 9.06 5.63 -32.23
CA ALA A 169 9.65 5.66 -30.90
C ALA A 169 10.69 4.54 -30.73
N ALA A 170 10.36 3.35 -31.22
CA ALA A 170 11.27 2.22 -31.12
C ALA A 170 12.59 2.47 -31.84
N GLN A 171 12.50 3.06 -33.03
CA GLN A 171 13.70 3.34 -33.82
C GLN A 171 14.48 4.51 -33.26
N LYS A 172 13.76 5.53 -32.78
CA LYS A 172 14.39 6.71 -32.22
C LYS A 172 15.14 6.40 -30.92
N LEU A 173 14.53 5.55 -30.09
CA LEU A 173 15.14 5.20 -28.81
C LEU A 173 15.86 3.85 -28.83
N ASN A 174 15.78 3.14 -29.95
CA ASN A 174 16.42 1.85 -30.11
C ASN A 174 16.05 0.90 -28.97
N THR A 175 14.74 0.76 -28.73
CA THR A 175 14.25 -0.09 -27.66
C THR A 175 12.90 -0.69 -28.05
N VAL A 176 12.29 -1.40 -27.11
CA VAL A 176 10.97 -1.99 -27.36
C VAL A 176 9.96 -1.00 -26.81
N ILE A 177 8.94 -0.69 -27.60
CA ILE A 177 7.91 0.25 -27.17
C ILE A 177 6.59 -0.50 -27.03
N ALA A 178 6.02 -0.45 -25.82
CA ALA A 178 4.76 -1.11 -25.55
C ALA A 178 3.70 -0.07 -25.23
N ILE A 179 2.89 0.25 -26.22
CA ILE A 179 1.82 1.24 -26.04
C ILE A 179 0.54 0.52 -25.67
N THR A 180 0.20 0.55 -24.37
CA THR A 180 -0.99 -0.13 -23.89
C THR A 180 -2.28 0.66 -24.07
N GLY A 181 -3.38 -0.08 -24.15
CA GLY A 181 -4.70 0.50 -24.32
C GLY A 181 -5.65 -0.64 -24.59
N GLU A 182 -6.89 -0.33 -24.99
CA GLU A 182 -7.86 -1.37 -25.31
C GLU A 182 -7.17 -2.42 -26.18
N VAL A 183 -6.39 -1.93 -27.14
CA VAL A 183 -5.61 -2.80 -28.01
C VAL A 183 -4.17 -2.35 -27.78
N ASP A 184 -3.28 -3.29 -27.48
CA ASP A 184 -1.89 -2.96 -27.24
C ASP A 184 -1.07 -3.02 -28.52
N VAL A 185 -0.15 -2.06 -28.66
CA VAL A 185 0.73 -2.00 -29.82
C VAL A 185 2.16 -2.13 -29.31
N ILE A 186 2.89 -3.12 -29.80
CA ILE A 186 4.27 -3.34 -29.37
C ILE A 186 5.23 -3.43 -30.55
N ALA A 187 6.34 -2.70 -30.48
CA ALA A 187 7.30 -2.73 -31.58
C ALA A 187 8.74 -2.46 -31.18
N ASP A 188 9.66 -3.00 -31.98
CA ASP A 188 11.07 -2.77 -31.78
C ASP A 188 11.51 -2.11 -33.09
N THR A 189 12.80 -2.12 -33.38
CA THR A 189 13.29 -1.48 -34.59
C THR A 189 12.86 -2.16 -35.90
N SER A 190 12.34 -3.38 -35.81
CA SER A 190 11.94 -4.10 -37.04
C SER A 190 10.55 -4.70 -37.09
N HIS A 191 9.96 -5.01 -35.95
CA HIS A 191 8.63 -5.63 -35.96
C HIS A 191 7.58 -4.88 -35.16
N VAL A 192 6.32 -5.17 -35.47
CA VAL A 192 5.18 -4.55 -34.80
C VAL A 192 4.08 -5.59 -34.61
N TYR A 193 3.51 -5.62 -33.42
CA TYR A 193 2.43 -6.56 -33.08
C TYR A 193 1.28 -5.83 -32.40
N THR A 194 0.09 -6.43 -32.44
CA THR A 194 -1.07 -5.86 -31.75
C THR A 194 -1.56 -6.97 -30.84
N LEU A 195 -1.88 -6.62 -29.59
CA LEU A 195 -2.33 -7.63 -28.63
C LEU A 195 -3.76 -7.29 -28.20
N HIS A 196 -4.60 -8.31 -28.08
CA HIS A 196 -6.00 -8.08 -27.76
C HIS A 196 -6.54 -8.82 -26.53
N ASN A 197 -5.89 -8.64 -25.38
CA ASN A 197 -6.36 -9.29 -24.18
C ASN A 197 -6.55 -8.29 -23.05
N GLY A 198 -7.07 -8.77 -21.92
CA GLY A 198 -7.28 -7.91 -20.77
C GLY A 198 -8.75 -7.64 -20.53
N HIS A 199 -9.03 -6.66 -19.67
CA HIS A 199 -10.40 -6.29 -19.35
C HIS A 199 -10.42 -4.88 -18.80
N LYS A 200 -11.52 -4.16 -19.02
CA LYS A 200 -11.65 -2.79 -18.55
C LYS A 200 -11.59 -2.58 -17.05
N LEU A 201 -11.82 -3.63 -16.27
CA LEU A 201 -11.77 -3.48 -14.82
C LEU A 201 -10.37 -3.08 -14.36
N LEU A 202 -9.36 -3.37 -15.19
CA LEU A 202 -7.99 -3.02 -14.84
C LEU A 202 -7.85 -1.52 -14.56
N THR A 203 -8.71 -0.70 -15.16
CA THR A 203 -8.64 0.74 -14.96
C THR A 203 -9.21 1.15 -13.60
N LYS A 204 -9.81 0.20 -12.90
CA LYS A 204 -10.42 0.46 -11.59
C LYS A 204 -9.52 0.02 -10.43
N VAL A 205 -8.32 -0.48 -10.73
CA VAL A 205 -7.39 -0.95 -9.70
C VAL A 205 -6.09 -0.16 -9.78
N THR A 206 -5.75 0.57 -8.73
CA THR A 206 -4.52 1.34 -8.75
C THR A 206 -3.36 0.37 -8.75
N GLY A 207 -2.32 0.69 -9.52
CA GLY A 207 -1.17 -0.19 -9.60
C GLY A 207 -1.29 -1.23 -10.71
N ALA A 208 -2.41 -1.23 -11.42
CA ALA A 208 -2.62 -2.19 -12.51
C ALA A 208 -1.56 -2.00 -13.60
N GLY A 209 -1.31 -0.75 -13.97
CA GLY A 209 -0.32 -0.47 -14.99
C GLY A 209 1.09 -0.67 -14.46
N SER A 210 1.33 -0.24 -13.23
CA SER A 210 2.64 -0.37 -12.61
C SER A 210 3.01 -1.84 -12.52
N LEU A 211 2.05 -2.66 -12.12
CA LEU A 211 2.28 -4.10 -12.02
C LEU A 211 2.61 -4.68 -13.39
N LEU A 212 1.85 -4.30 -14.41
CA LEU A 212 2.10 -4.82 -15.75
C LEU A 212 3.53 -4.51 -16.20
N THR A 213 3.99 -3.30 -15.93
CA THR A 213 5.35 -2.95 -16.34
C THR A 213 6.37 -3.83 -15.62
N SER A 214 6.17 -4.05 -14.33
CA SER A 214 7.09 -4.90 -13.59
C SER A 214 6.99 -6.34 -14.06
N VAL A 215 5.81 -6.73 -14.55
CA VAL A 215 5.63 -8.08 -15.07
C VAL A 215 6.45 -8.21 -16.37
N VAL A 216 6.48 -7.14 -17.15
CA VAL A 216 7.26 -7.12 -18.38
C VAL A 216 8.71 -7.33 -17.97
N GLY A 217 9.10 -6.69 -16.88
CA GLY A 217 10.46 -6.86 -16.38
C GLY A 217 10.74 -8.32 -16.08
N ALA A 218 9.82 -8.98 -15.38
CA ALA A 218 9.99 -10.39 -15.04
C ALA A 218 10.21 -11.27 -16.28
N PHE A 219 9.46 -11.00 -17.34
CA PHE A 219 9.61 -11.78 -18.56
C PHE A 219 10.93 -11.45 -19.28
N CYS A 220 11.37 -10.20 -19.22
CA CYS A 220 12.63 -9.80 -19.86
C CYS A 220 13.81 -10.47 -19.16
N ALA A 221 13.61 -10.88 -17.91
CA ALA A 221 14.69 -11.54 -17.17
C ALA A 221 14.94 -12.95 -17.66
N VAL A 222 13.90 -13.59 -18.21
CA VAL A 222 14.01 -14.96 -18.68
C VAL A 222 14.02 -15.14 -20.19
N GLU A 223 13.41 -14.21 -20.92
CA GLU A 223 13.36 -14.27 -22.38
C GLU A 223 14.35 -13.23 -22.94
N GLU A 224 15.34 -13.70 -23.69
CA GLU A 224 16.36 -12.81 -24.24
C GLU A 224 15.87 -11.75 -25.22
N ASN A 225 14.82 -12.06 -25.97
CA ASN A 225 14.29 -11.10 -26.93
C ASN A 225 13.25 -10.24 -26.21
N PRO A 226 13.62 -9.00 -25.86
CA PRO A 226 12.72 -8.08 -25.16
C PRO A 226 11.36 -7.88 -25.82
N LEU A 227 11.32 -7.94 -27.15
CA LEU A 227 10.04 -7.78 -27.84
C LEU A 227 9.15 -8.99 -27.48
N PHE A 228 9.72 -10.18 -27.59
CA PHE A 228 8.98 -11.39 -27.26
C PHE A 228 8.61 -11.39 -25.79
N ALA A 229 9.54 -10.97 -24.94
CA ALA A 229 9.30 -10.92 -23.51
C ALA A 229 8.10 -10.04 -23.18
N ALA A 230 8.07 -8.84 -23.77
CA ALA A 230 6.99 -7.89 -23.53
C ALA A 230 5.66 -8.48 -24.00
N ILE A 231 5.66 -9.08 -25.19
CA ILE A 231 4.45 -9.69 -25.74
C ILE A 231 3.93 -10.80 -24.82
N ALA A 232 4.82 -11.70 -24.41
CA ALA A 232 4.43 -12.79 -23.54
C ALA A 232 3.91 -12.26 -22.20
N ALA A 233 4.58 -11.23 -21.68
CA ALA A 233 4.18 -10.63 -20.41
C ALA A 233 2.79 -9.99 -20.49
N ILE A 234 2.59 -9.17 -21.51
CA ILE A 234 1.31 -8.49 -21.67
C ILE A 234 0.18 -9.48 -21.93
N SER A 235 0.45 -10.51 -22.72
CA SER A 235 -0.57 -11.52 -23.02
C SER A 235 -0.95 -12.35 -21.79
N SER A 236 0.06 -12.76 -21.02
CA SER A 236 -0.20 -13.56 -19.82
C SER A 236 -1.01 -12.73 -18.83
N TYR A 237 -0.60 -11.49 -18.64
CA TYR A 237 -1.28 -10.57 -17.74
C TYR A 237 -2.73 -10.37 -18.18
N GLY A 238 -2.91 -10.13 -19.48
CA GLY A 238 -4.25 -9.91 -20.02
C GLY A 238 -5.17 -11.10 -19.84
N VAL A 239 -4.65 -12.29 -20.09
CA VAL A 239 -5.44 -13.50 -19.95
C VAL A 239 -5.84 -13.67 -18.50
N ALA A 240 -4.88 -13.43 -17.60
CA ALA A 240 -5.17 -13.53 -16.18
C ALA A 240 -6.26 -12.54 -15.81
N ALA A 241 -6.20 -11.35 -16.39
CA ALA A 241 -7.20 -10.32 -16.11
C ALA A 241 -8.57 -10.77 -16.61
N GLN A 242 -8.59 -11.45 -17.76
CA GLN A 242 -9.85 -11.92 -18.32
C GLN A 242 -10.48 -12.99 -17.44
N LEU A 243 -9.67 -13.94 -16.99
CA LEU A 243 -10.18 -15.00 -16.12
C LEU A 243 -10.63 -14.38 -14.79
N ALA A 244 -9.89 -13.38 -14.32
CA ALA A 244 -10.22 -12.71 -13.09
C ALA A 244 -11.58 -12.00 -13.19
N ALA A 245 -11.80 -11.30 -14.29
CA ALA A 245 -13.07 -10.58 -14.48
C ALA A 245 -14.22 -11.57 -14.52
N GLN A 246 -14.00 -12.73 -15.13
CA GLN A 246 -15.05 -13.74 -15.21
C GLN A 246 -15.37 -14.21 -13.80
N GLN A 247 -14.33 -14.54 -13.04
CA GLN A 247 -14.49 -15.01 -11.66
C GLN A 247 -15.17 -13.95 -10.79
N THR A 248 -14.80 -12.69 -11.01
CA THR A 248 -15.37 -11.60 -10.24
C THR A 248 -16.84 -11.43 -10.56
N ALA A 249 -17.16 -11.58 -11.84
CA ALA A 249 -18.52 -11.41 -12.31
C ALA A 249 -18.85 -9.93 -12.13
N ASP A 250 -19.82 -9.63 -11.28
CA ASP A 250 -20.18 -8.24 -11.05
C ASP A 250 -20.08 -7.85 -9.59
N LYS A 251 -19.11 -8.42 -8.89
CA LYS A 251 -18.92 -8.13 -7.47
C LYS A 251 -18.39 -6.71 -7.22
N GLY A 252 -17.46 -6.27 -8.06
CA GLY A 252 -16.89 -4.94 -7.88
C GLY A 252 -15.38 -4.95 -8.05
N PRO A 253 -14.75 -3.78 -8.18
CA PRO A 253 -13.30 -3.68 -8.35
C PRO A 253 -12.47 -4.19 -7.18
N GLY A 254 -13.10 -4.26 -6.00
CA GLY A 254 -12.39 -4.76 -4.85
C GLY A 254 -12.13 -6.24 -5.06
N SER A 255 -13.19 -6.95 -5.44
CA SER A 255 -13.06 -8.38 -5.70
C SER A 255 -12.16 -8.62 -6.90
N PHE A 256 -12.22 -7.73 -7.89
CA PHE A 256 -11.40 -7.88 -9.08
C PHE A 256 -9.92 -7.76 -8.77
N GLN A 257 -9.57 -6.80 -7.91
CA GLN A 257 -8.18 -6.62 -7.52
C GLN A 257 -7.65 -7.92 -6.94
N ILE A 258 -8.44 -8.55 -6.09
CA ILE A 258 -8.06 -9.81 -5.45
C ILE A 258 -8.00 -10.96 -6.43
N GLU A 259 -8.98 -11.03 -7.32
CA GLU A 259 -9.03 -12.10 -8.31
C GLU A 259 -7.89 -11.98 -9.32
N LEU A 260 -7.43 -10.76 -9.59
CA LEU A 260 -6.33 -10.59 -10.54
C LEU A 260 -5.07 -11.22 -9.91
N LEU A 261 -4.92 -11.05 -8.61
CA LEU A 261 -3.78 -11.65 -7.90
C LEU A 261 -3.94 -13.16 -7.95
N ASN A 262 -5.15 -13.66 -7.68
CA ASN A 262 -5.37 -15.10 -7.70
C ASN A 262 -5.01 -15.69 -9.05
N LYS A 263 -5.51 -15.08 -10.12
CA LYS A 263 -5.29 -15.58 -11.48
C LYS A 263 -3.86 -15.47 -11.99
N LEU A 264 -3.11 -14.51 -11.49
CA LEU A 264 -1.72 -14.40 -11.93
C LEU A 264 -0.99 -15.64 -11.45
N SER A 265 -1.55 -16.27 -10.43
CA SER A 265 -0.99 -17.47 -9.85
C SER A 265 -1.57 -18.74 -10.47
N THR A 266 -2.88 -18.75 -10.71
CA THR A 266 -3.52 -19.93 -11.25
C THR A 266 -3.59 -20.02 -12.77
N VAL A 267 -3.35 -18.92 -13.47
CA VAL A 267 -3.38 -18.98 -14.94
C VAL A 267 -2.33 -19.99 -15.35
N THR A 268 -2.70 -20.89 -16.26
CA THR A 268 -1.76 -21.92 -16.70
C THR A 268 -1.22 -21.69 -18.10
N GLU A 269 -0.26 -22.52 -18.47
CA GLU A 269 0.35 -22.44 -19.78
C GLU A 269 -0.74 -22.63 -20.82
N GLN A 270 -1.66 -23.56 -20.53
CA GLN A 270 -2.76 -23.87 -21.42
C GLN A 270 -3.72 -22.70 -21.60
N ASP A 271 -3.96 -21.94 -20.53
CA ASP A 271 -4.87 -20.80 -20.60
C ASP A 271 -4.35 -19.75 -21.56
N VAL A 272 -3.04 -19.52 -21.54
CA VAL A 272 -2.44 -18.53 -22.43
C VAL A 272 -2.54 -18.99 -23.88
N GLN A 273 -2.29 -20.26 -24.13
CA GLN A 273 -2.37 -20.80 -25.49
C GLN A 273 -3.77 -20.61 -26.05
N GLU A 274 -4.77 -20.83 -25.20
CA GLU A 274 -6.16 -20.72 -25.61
C GLU A 274 -6.72 -19.31 -25.78
N TRP A 275 -6.33 -18.40 -24.89
CA TRP A 275 -6.86 -17.04 -24.95
C TRP A 275 -5.99 -15.93 -25.53
N ALA A 276 -4.68 -16.09 -25.47
CA ALA A 276 -3.77 -15.07 -26.00
C ALA A 276 -4.08 -14.70 -27.44
N THR A 277 -4.26 -13.41 -27.69
CA THR A 277 -4.55 -12.93 -29.04
C THR A 277 -3.40 -12.04 -29.49
N ILE A 278 -2.46 -12.64 -30.22
CA ILE A 278 -1.28 -11.94 -30.71
C ILE A 278 -1.28 -11.86 -32.24
N GLU A 279 -1.18 -10.64 -32.77
CA GLU A 279 -1.19 -10.46 -34.22
C GLU A 279 0.02 -9.69 -34.74
N ARG A 280 0.77 -10.33 -35.64
CA ARG A 280 1.94 -9.72 -36.26
C ARG A 280 1.45 -8.73 -37.31
N VAL A 281 1.87 -7.48 -37.21
CA VAL A 281 1.45 -6.46 -38.16
C VAL A 281 2.31 -6.47 -39.41
N THR A 282 1.67 -6.57 -40.58
CA THR A 282 2.40 -6.59 -41.83
C THR A 282 2.93 -5.19 -42.16
N VAL A 283 4.24 -5.05 -42.11
CA VAL A 283 4.88 -3.77 -42.40
C VAL A 283 5.52 -3.81 -43.79
N SER A 284 4.87 -3.17 -44.75
CA SER A 284 5.35 -3.13 -46.12
C SER A 284 6.21 -1.89 -46.33
N MET B 1 -18.11 19.03 -14.70
CA MET B 1 -17.54 20.13 -13.88
C MET B 1 -18.36 20.35 -12.61
N ARG B 2 -18.33 21.59 -12.11
CA ARG B 2 -19.07 21.95 -10.91
C ARG B 2 -20.53 22.24 -11.24
N GLY B 3 -21.39 22.16 -10.22
CA GLY B 3 -22.80 22.41 -10.44
C GLY B 3 -23.56 22.55 -9.13
N SER B 4 -24.84 22.91 -9.24
CA SER B 4 -25.68 23.09 -8.06
C SER B 4 -26.79 22.04 -8.07
N HIS B 5 -26.72 21.12 -7.11
CA HIS B 5 -27.71 20.05 -7.01
C HIS B 5 -28.72 20.32 -5.90
N HIS B 6 -28.59 21.46 -5.24
CA HIS B 6 -29.52 21.81 -4.16
C HIS B 6 -29.30 23.23 -3.66
N HIS B 7 -30.34 23.80 -3.07
CA HIS B 7 -30.30 25.16 -2.53
C HIS B 7 -31.14 25.20 -1.27
N HIS B 8 -30.68 25.93 -0.25
CA HIS B 8 -31.43 26.04 1.00
C HIS B 8 -32.75 26.76 0.79
N HIS B 9 -32.77 27.72 -0.14
CA HIS B 9 -34.00 28.42 -0.44
C HIS B 9 -34.94 27.31 -0.87
N HIS B 10 -34.33 26.18 -1.21
CA HIS B 10 -35.05 25.00 -1.65
C HIS B 10 -34.96 23.90 -0.59
N GLY B 11 -35.77 24.04 0.47
CA GLY B 11 -35.81 23.05 1.54
C GLY B 11 -34.48 22.57 2.10
N SER B 12 -34.56 21.59 2.99
CA SER B 12 -33.37 21.02 3.63
C SER B 12 -32.70 19.97 2.75
N MET B 13 -31.37 19.88 2.86
CA MET B 13 -30.60 18.92 2.10
C MET B 13 -31.17 17.56 2.44
N ASP B 14 -31.36 16.71 1.44
CA ASP B 14 -31.93 15.39 1.69
C ASP B 14 -31.29 14.25 0.90
N ALA B 15 -31.74 13.03 1.18
CA ALA B 15 -31.23 11.84 0.51
C ALA B 15 -31.31 11.93 -1.02
N GLN B 16 -32.42 12.48 -1.52
CA GLN B 16 -32.61 12.61 -2.96
C GLN B 16 -31.52 13.48 -3.57
N SER B 17 -31.26 14.63 -2.96
CA SER B 17 -30.24 15.53 -3.46
C SER B 17 -28.86 14.92 -3.30
N ALA B 18 -28.71 14.06 -2.29
CA ALA B 18 -27.43 13.40 -2.05
C ALA B 18 -27.18 12.39 -3.16
N ALA B 19 -28.22 11.65 -3.51
CA ALA B 19 -28.13 10.65 -4.57
C ALA B 19 -27.74 11.29 -5.90
N LYS B 20 -28.28 12.47 -6.17
CA LYS B 20 -27.97 13.20 -7.40
C LYS B 20 -26.50 13.59 -7.46
N CYS B 21 -25.93 13.97 -6.31
CA CYS B 21 -24.53 14.35 -6.25
C CYS B 21 -23.65 13.15 -6.59
N LEU B 22 -24.04 11.98 -6.08
CA LEU B 22 -23.31 10.74 -6.34
C LEU B 22 -23.25 10.47 -7.84
N THR B 23 -24.37 10.68 -8.51
CA THR B 23 -24.45 10.44 -9.94
C THR B 23 -23.56 11.44 -10.66
N ALA B 24 -23.52 12.67 -10.14
CA ALA B 24 -22.70 13.71 -10.72
C ALA B 24 -21.22 13.37 -10.60
N VAL B 25 -20.84 12.72 -9.51
CA VAL B 25 -19.45 12.34 -9.30
C VAL B 25 -18.99 11.32 -10.36
N ARG B 26 -19.84 10.33 -10.61
CA ARG B 26 -19.50 9.31 -11.60
C ARG B 26 -19.54 9.83 -13.02
N ARG B 27 -20.49 10.74 -13.28
CA ARG B 27 -20.61 11.32 -14.62
C ARG B 27 -19.39 12.15 -14.98
N HIS B 28 -18.87 12.90 -14.01
CA HIS B 28 -17.73 13.77 -14.28
C HIS B 28 -16.35 13.18 -13.98
N SER B 29 -16.32 12.11 -13.19
CA SER B 29 -15.05 11.45 -12.83
C SER B 29 -14.01 12.52 -12.47
N PRO B 30 -14.32 13.35 -11.46
CA PRO B 30 -13.41 14.42 -11.02
C PRO B 30 -12.01 13.99 -10.60
N LEU B 31 -11.03 14.80 -11.00
CA LEU B 31 -9.65 14.55 -10.65
C LEU B 31 -9.49 14.98 -9.19
N VAL B 32 -9.23 14.03 -8.32
CA VAL B 32 -9.07 14.33 -6.90
C VAL B 32 -7.60 14.20 -6.53
N HIS B 33 -6.97 15.34 -6.24
CA HIS B 33 -5.57 15.35 -5.86
C HIS B 33 -5.51 15.16 -4.36
N SER B 34 -5.05 13.97 -3.93
CA SER B 34 -4.95 13.68 -2.50
C SER B 34 -3.52 13.51 -2.06
N ILE B 35 -3.12 14.28 -1.07
CA ILE B 35 -1.78 14.19 -0.51
C ILE B 35 -2.05 13.57 0.86
N THR B 36 -1.79 12.27 0.99
CA THR B 36 -2.05 11.57 2.25
C THR B 36 -0.88 10.74 2.75
N ASN B 37 -1.05 10.06 3.89
CA ASN B 37 0.03 9.27 4.48
C ASN B 37 0.32 7.94 3.78
N ASN B 38 1.57 7.49 3.89
CA ASN B 38 2.02 6.28 3.22
C ASN B 38 1.34 4.97 3.67
N VAL B 39 0.52 5.03 4.71
CA VAL B 39 -0.17 3.85 5.20
C VAL B 39 -1.51 3.66 4.49
N VAL B 40 -1.97 4.71 3.81
CA VAL B 40 -3.27 4.64 3.18
C VAL B 40 -3.38 5.15 1.75
N THR B 41 -2.25 5.46 1.11
CA THR B 41 -2.31 5.97 -0.25
C THR B 41 -2.99 5.01 -1.22
N ASN B 42 -2.65 3.72 -1.15
CA ASN B 42 -3.26 2.76 -2.06
C ASN B 42 -4.77 2.60 -1.84
N PHE B 43 -5.16 2.47 -0.58
CA PHE B 43 -6.58 2.30 -0.27
C PHE B 43 -7.34 3.55 -0.67
N THR B 44 -6.74 4.70 -0.43
CA THR B 44 -7.39 5.96 -0.78
C THR B 44 -7.63 6.02 -2.29
N ALA B 45 -6.61 5.68 -3.06
CA ALA B 45 -6.70 5.70 -4.52
C ALA B 45 -7.75 4.71 -5.02
N ASN B 46 -7.75 3.51 -4.46
CA ASN B 46 -8.71 2.50 -4.88
C ASN B 46 -10.14 2.87 -4.53
N GLY B 47 -10.32 3.47 -3.36
CA GLY B 47 -11.64 3.89 -2.95
C GLY B 47 -12.19 4.93 -3.92
N LEU B 48 -11.34 5.88 -4.30
CA LEU B 48 -11.72 6.92 -5.24
C LEU B 48 -12.02 6.33 -6.63
N LEU B 49 -11.23 5.34 -7.04
CA LEU B 49 -11.45 4.73 -8.35
C LEU B 49 -12.76 3.95 -8.36
N ALA B 50 -13.06 3.30 -7.25
CA ALA B 50 -14.29 2.52 -7.13
C ALA B 50 -15.49 3.46 -7.15
N LEU B 51 -15.40 4.54 -6.39
CA LEU B 51 -16.46 5.54 -6.34
C LEU B 51 -16.80 6.03 -7.75
N GLY B 52 -15.76 6.35 -8.52
CA GLY B 52 -15.97 6.83 -9.88
C GLY B 52 -15.15 8.07 -10.18
N ALA B 53 -14.23 8.40 -9.28
CA ALA B 53 -13.38 9.57 -9.46
C ALA B 53 -11.99 9.15 -9.97
N SER B 54 -11.19 10.13 -10.35
CA SER B 54 -9.84 9.89 -10.86
C SER B 54 -8.81 10.42 -9.86
N PRO B 55 -8.15 9.52 -9.13
CA PRO B 55 -7.16 9.95 -8.14
C PRO B 55 -5.78 10.26 -8.71
N VAL B 56 -5.13 11.24 -8.08
CA VAL B 56 -3.77 11.62 -8.42
C VAL B 56 -3.15 11.84 -7.04
N MET B 57 -2.03 11.19 -6.79
CA MET B 57 -1.41 11.26 -5.47
C MET B 57 -0.07 11.99 -5.38
N ALA B 58 0.26 12.81 -6.37
CA ALA B 58 1.53 13.56 -6.35
C ALA B 58 1.71 14.26 -5.01
N TYR B 59 2.90 14.16 -4.44
CA TYR B 59 3.16 14.75 -3.13
C TYR B 59 4.45 15.58 -3.07
N ALA B 60 5.29 15.47 -4.08
CA ALA B 60 6.56 16.19 -4.11
C ALA B 60 6.47 17.66 -4.48
N LYS B 61 7.31 18.48 -3.84
CA LYS B 61 7.33 19.93 -4.10
C LYS B 61 7.51 20.23 -5.59
N GLU B 62 8.25 19.38 -6.29
CA GLU B 62 8.50 19.59 -7.71
C GLU B 62 7.28 19.46 -8.59
N GLU B 63 6.16 18.94 -8.07
CA GLU B 63 4.98 18.81 -8.91
C GLU B 63 3.61 19.04 -8.30
N VAL B 64 3.49 19.21 -6.98
CA VAL B 64 2.17 19.39 -6.38
C VAL B 64 1.44 20.66 -6.84
N ALA B 65 2.17 21.73 -7.09
CA ALA B 65 1.52 22.97 -7.54
C ALA B 65 0.90 22.76 -8.93
N ASP B 66 1.61 22.03 -9.78
CA ASP B 66 1.13 21.74 -11.15
C ASP B 66 -0.04 20.77 -11.17
N MET B 67 -0.04 19.81 -10.24
CA MET B 67 -1.13 18.86 -10.19
C MET B 67 -2.38 19.47 -9.57
N ALA B 68 -2.21 20.25 -8.51
CA ALA B 68 -3.34 20.86 -7.82
C ALA B 68 -4.12 21.86 -8.67
N LYS B 69 -3.43 22.64 -9.48
CA LYS B 69 -4.10 23.65 -10.29
C LYS B 69 -5.02 23.09 -11.38
N ILE B 70 -4.83 21.83 -11.75
CA ILE B 70 -5.67 21.22 -12.79
C ILE B 70 -6.65 20.19 -12.21
N ALA B 71 -6.63 20.04 -10.90
CA ALA B 71 -7.51 19.08 -10.24
C ALA B 71 -8.91 19.65 -9.99
N GLY B 72 -9.85 18.75 -9.68
CA GLY B 72 -11.20 19.18 -9.38
C GLY B 72 -11.29 19.50 -7.89
N ALA B 73 -10.41 18.87 -7.11
CA ALA B 73 -10.37 19.08 -5.66
C ALA B 73 -9.02 18.63 -5.11
N LEU B 74 -8.60 19.26 -4.02
CA LEU B 74 -7.34 18.93 -3.37
C LEU B 74 -7.65 18.52 -1.94
N VAL B 75 -7.16 17.34 -1.54
CA VAL B 75 -7.36 16.81 -0.20
C VAL B 75 -6.01 16.69 0.49
N LEU B 76 -5.95 17.20 1.72
CA LEU B 76 -4.72 17.18 2.51
C LEU B 76 -4.93 16.39 3.79
N ASN B 77 -4.11 15.36 3.98
CA ASN B 77 -4.19 14.51 5.17
C ASN B 77 -2.85 14.57 5.88
N ILE B 78 -2.85 14.84 7.18
CA ILE B 78 -1.61 14.97 7.92
C ILE B 78 -1.10 13.78 8.73
N GLY B 79 -1.44 12.57 8.27
CA GLY B 79 -0.95 11.39 8.97
C GLY B 79 0.53 11.21 8.69
N THR B 80 1.24 10.50 9.56
CA THR B 80 2.68 10.27 9.38
C THR B 80 3.32 11.47 8.68
N LEU B 81 3.06 12.67 9.17
CA LEU B 81 3.60 13.87 8.53
C LEU B 81 5.04 14.20 8.86
N SER B 82 5.60 15.13 8.09
CA SER B 82 6.95 15.58 8.27
C SER B 82 6.97 17.05 7.85
N LYS B 83 8.00 17.77 8.27
CA LYS B 83 8.15 19.17 7.93
C LYS B 83 8.09 19.30 6.41
N GLU B 84 8.78 18.39 5.73
CA GLU B 84 8.84 18.35 4.28
C GLU B 84 7.48 18.26 3.60
N SER B 85 6.65 17.31 4.03
CA SER B 85 5.34 17.14 3.43
C SER B 85 4.38 18.28 3.74
N VAL B 86 4.48 18.83 4.95
CA VAL B 86 3.60 19.95 5.32
C VAL B 86 3.87 21.12 4.38
N GLU B 87 5.15 21.36 4.08
CA GLU B 87 5.51 22.44 3.19
C GLU B 87 4.92 22.23 1.80
N ALA B 88 4.96 20.98 1.34
CA ALA B 88 4.43 20.63 0.03
C ALA B 88 2.91 20.77 0.00
N MET B 89 2.27 20.42 1.11
CA MET B 89 0.82 20.53 1.21
C MET B 89 0.40 21.99 1.09
N ILE B 90 1.21 22.88 1.66
CA ILE B 90 0.92 24.31 1.60
C ILE B 90 1.13 24.87 0.20
N ILE B 91 2.18 24.40 -0.48
CA ILE B 91 2.45 24.84 -1.84
C ILE B 91 1.27 24.38 -2.70
N ALA B 92 0.83 23.15 -2.49
CA ALA B 92 -0.30 22.60 -3.23
C ALA B 92 -1.57 23.39 -2.92
N GLY B 93 -1.80 23.65 -1.64
CA GLY B 93 -2.98 24.38 -1.21
C GLY B 93 -3.07 25.79 -1.78
N LYS B 94 -1.96 26.50 -1.80
CA LYS B 94 -1.95 27.85 -2.37
C LYS B 94 -2.23 27.79 -3.86
N SER B 95 -1.66 26.80 -4.54
CA SER B 95 -1.90 26.66 -5.97
C SER B 95 -3.38 26.38 -6.19
N ALA B 96 -3.96 25.53 -5.35
CA ALA B 96 -5.38 25.20 -5.48
C ALA B 96 -6.23 26.47 -5.29
N ASN B 97 -5.89 27.25 -4.28
CA ASN B 97 -6.63 28.49 -4.00
C ASN B 97 -6.58 29.45 -5.20
N GLU B 98 -5.39 29.66 -5.73
CA GLU B 98 -5.22 30.56 -6.86
C GLU B 98 -6.03 30.16 -8.09
N HIS B 99 -6.41 28.89 -8.18
CA HIS B 99 -7.18 28.44 -9.35
C HIS B 99 -8.61 28.01 -9.04
N GLY B 100 -9.07 28.34 -7.84
CA GLY B 100 -10.43 28.01 -7.45
C GLY B 100 -10.73 26.53 -7.22
N VAL B 101 -9.68 25.75 -6.94
CA VAL B 101 -9.85 24.33 -6.67
C VAL B 101 -10.13 24.16 -5.17
N PRO B 102 -11.28 23.58 -4.80
CA PRO B 102 -11.57 23.41 -3.38
C PRO B 102 -10.54 22.55 -2.67
N VAL B 103 -10.19 22.94 -1.44
CA VAL B 103 -9.21 22.20 -0.64
C VAL B 103 -9.91 21.67 0.60
N ILE B 104 -9.70 20.38 0.87
CA ILE B 104 -10.30 19.75 2.04
C ILE B 104 -9.16 19.26 2.92
N LEU B 105 -9.27 19.50 4.22
CA LEU B 105 -8.23 19.10 5.18
C LEU B 105 -8.70 18.04 6.15
N ASP B 106 -7.81 17.10 6.45
CA ASP B 106 -8.06 16.04 7.42
C ASP B 106 -6.94 16.24 8.44
N PRO B 107 -7.26 16.88 9.58
CA PRO B 107 -6.28 17.16 10.64
C PRO B 107 -6.07 15.98 11.58
N VAL B 108 -5.86 14.80 11.00
CA VAL B 108 -5.67 13.62 11.82
C VAL B 108 -4.53 13.80 12.82
N GLY B 109 -4.82 13.47 14.08
CA GLY B 109 -3.82 13.58 15.12
C GLY B 109 -3.75 14.92 15.82
N ALA B 110 -4.39 15.95 15.26
CA ALA B 110 -4.37 17.27 15.88
C ALA B 110 -4.85 17.18 17.34
N GLY B 111 -4.11 17.81 18.24
CA GLY B 111 -4.47 17.78 19.64
C GLY B 111 -3.80 16.65 20.41
N ALA B 112 -3.29 15.66 19.68
CA ALA B 112 -2.62 14.51 20.30
C ALA B 112 -1.12 14.78 20.50
N THR B 113 -0.56 15.63 19.64
CA THR B 113 0.85 16.01 19.72
C THR B 113 0.96 17.45 19.21
N PRO B 114 1.94 18.22 19.71
CA PRO B 114 2.09 19.60 19.26
C PRO B 114 2.37 19.78 17.77
N PHE B 115 3.21 18.92 17.19
CA PHE B 115 3.56 19.02 15.77
C PHE B 115 2.33 18.88 14.88
N ARG B 116 1.43 17.97 15.23
CA ARG B 116 0.22 17.79 14.43
C ARG B 116 -0.65 19.04 14.53
N THR B 117 -0.97 19.44 15.75
CA THR B 117 -1.79 20.63 15.97
C THR B 117 -1.24 21.87 15.24
N GLU B 118 0.06 22.10 15.35
CA GLU B 118 0.69 23.25 14.71
C GLU B 118 0.69 23.13 13.18
N SER B 119 0.87 21.92 12.69
CA SER B 119 0.87 21.68 11.25
C SER B 119 -0.52 21.94 10.68
N ALA B 120 -1.54 21.48 11.40
CA ALA B 120 -2.92 21.69 10.96
C ALA B 120 -3.16 23.20 10.94
N ARG B 121 -2.74 23.88 12.00
CA ARG B 121 -2.91 25.32 12.08
C ARG B 121 -2.13 26.06 10.99
N ASP B 122 -0.94 25.56 10.67
CA ASP B 122 -0.11 26.15 9.63
C ASP B 122 -0.82 26.12 8.28
N ILE B 123 -1.49 25.01 7.99
CA ILE B 123 -2.22 24.85 6.74
C ILE B 123 -3.41 25.81 6.71
N ILE B 124 -4.13 25.89 7.83
CA ILE B 124 -5.29 26.78 7.92
C ILE B 124 -4.85 28.23 7.75
N ARG B 125 -3.69 28.57 8.29
CA ARG B 125 -3.17 29.93 8.17
C ARG B 125 -2.84 30.33 6.74
N GLU B 126 -2.27 29.40 5.97
CA GLU B 126 -1.84 29.68 4.60
C GLU B 126 -2.78 29.29 3.47
N VAL B 127 -3.73 28.40 3.74
CA VAL B 127 -4.64 27.91 2.70
C VAL B 127 -6.11 28.10 3.05
N ARG B 128 -6.89 28.59 2.08
CA ARG B 128 -8.33 28.76 2.29
C ARG B 128 -8.90 27.35 2.10
N LEU B 129 -9.74 26.91 3.04
CA LEU B 129 -10.30 25.56 2.97
C LEU B 129 -11.80 25.54 2.67
N ALA B 130 -12.22 24.55 1.89
CA ALA B 130 -13.64 24.38 1.59
C ALA B 130 -14.29 23.58 2.72
N ALA B 131 -13.51 22.71 3.35
CA ALA B 131 -14.03 21.91 4.45
C ALA B 131 -12.90 21.30 5.23
N ILE B 132 -13.23 20.91 6.47
CA ILE B 132 -12.27 20.26 7.36
C ILE B 132 -13.03 19.09 7.98
N ARG B 133 -12.48 17.89 7.85
CA ARG B 133 -13.11 16.70 8.40
C ARG B 133 -12.20 16.00 9.41
N GLY B 134 -12.70 15.84 10.63
CA GLY B 134 -11.93 15.16 11.68
C GLY B 134 -12.83 14.80 12.84
N ASN B 135 -12.31 14.15 13.88
CA ASN B 135 -13.20 13.83 14.99
C ASN B 135 -13.32 15.05 15.89
N ALA B 136 -14.19 14.98 16.89
CA ALA B 136 -14.40 16.09 17.81
C ALA B 136 -13.12 16.69 18.39
N ALA B 137 -12.27 15.83 18.91
CA ALA B 137 -11.02 16.27 19.53
C ALA B 137 -10.10 17.02 18.58
N GLU B 138 -9.93 16.48 17.37
CA GLU B 138 -9.06 17.09 16.38
C GLU B 138 -9.56 18.47 15.99
N ILE B 139 -10.87 18.61 15.85
CA ILE B 139 -11.45 19.90 15.49
C ILE B 139 -11.37 20.90 16.65
N ALA B 140 -11.71 20.46 17.85
CA ALA B 140 -11.69 21.35 19.02
C ALA B 140 -10.31 21.90 19.31
N HIS B 141 -9.31 21.03 19.33
CA HIS B 141 -7.94 21.45 19.62
C HIS B 141 -7.28 22.22 18.49
N THR B 142 -7.72 21.95 17.26
CA THR B 142 -7.18 22.66 16.11
C THR B 142 -7.68 24.11 16.18
N VAL B 143 -8.99 24.26 16.35
CA VAL B 143 -9.57 25.58 16.43
C VAL B 143 -9.22 26.30 17.73
N GLY B 144 -9.07 25.54 18.81
CA GLY B 144 -8.76 26.11 20.11
C GLY B 144 -9.99 26.00 21.00
N VAL B 145 -9.82 25.54 22.24
CA VAL B 145 -10.96 25.37 23.14
C VAL B 145 -11.43 26.66 23.79
N THR B 146 -12.65 27.07 23.45
CA THR B 146 -13.25 28.28 24.00
C THR B 146 -14.46 27.89 24.86
N ASP B 147 -15.16 26.84 24.46
CA ASP B 147 -16.32 26.34 25.19
C ASP B 147 -15.96 25.00 25.81
N TRP B 148 -15.87 24.95 27.14
CA TRP B 148 -15.51 23.72 27.83
C TRP B 148 -16.67 22.80 28.20
N LEU B 149 -17.66 23.35 28.90
CA LEU B 149 -18.81 22.56 29.35
C LEU B 149 -19.44 21.75 28.23
N ILE B 150 -20.08 20.64 28.61
CA ILE B 150 -20.75 19.75 27.68
C ILE B 150 -21.83 18.95 28.40
N LYS B 151 -21.41 18.14 29.37
CA LYS B 151 -22.34 17.31 30.14
C LYS B 151 -21.61 16.60 31.26
N GLY B 152 -22.26 16.50 32.41
CA GLY B 152 -21.66 15.83 33.56
C GLY B 152 -21.64 14.32 33.39
N VAL B 153 -20.72 13.67 34.10
CA VAL B 153 -20.59 12.22 34.04
C VAL B 153 -20.30 11.75 32.62
N ASP B 154 -19.03 11.50 32.33
CA ASP B 154 -18.61 11.05 31.01
C ASP B 154 -19.31 9.76 30.63
N ALA B 155 -19.92 9.75 29.45
CA ALA B 155 -20.62 8.57 28.96
C ALA B 155 -20.58 8.50 27.44
N GLY B 156 -21.13 9.51 26.79
CA GLY B 156 -21.13 9.56 25.34
C GLY B 156 -20.85 10.94 24.79
N GLU B 157 -21.56 11.31 23.74
CA GLU B 157 -21.38 12.63 23.13
C GLU B 157 -22.07 13.72 23.93
N GLY B 158 -23.40 13.63 24.02
CA GLY B 158 -24.16 14.62 24.77
C GLY B 158 -25.54 14.83 24.20
N GLY B 159 -25.63 15.66 23.17
CA GLY B 159 -26.91 15.94 22.54
C GLY B 159 -27.01 17.37 22.04
N GLY B 160 -25.89 18.07 22.04
CA GLY B 160 -25.87 19.44 21.58
C GLY B 160 -24.48 20.06 21.64
N ASP B 161 -23.60 19.46 22.44
CA ASP B 161 -22.25 19.97 22.58
C ASP B 161 -21.44 19.90 21.28
N ILE B 162 -21.51 18.76 20.60
CA ILE B 162 -20.78 18.60 19.35
C ILE B 162 -21.38 19.51 18.28
N ILE B 163 -22.69 19.73 18.37
CA ILE B 163 -23.38 20.59 17.44
C ILE B 163 -22.90 22.04 17.60
N ARG B 164 -22.63 22.44 18.84
CA ARG B 164 -22.15 23.80 19.12
C ARG B 164 -20.71 23.94 18.64
N LEU B 165 -19.90 22.92 18.90
CA LEU B 165 -18.50 22.91 18.50
C LEU B 165 -18.35 23.09 16.99
N ALA B 166 -19.14 22.36 16.23
CA ALA B 166 -19.10 22.41 14.78
C ALA B 166 -19.44 23.79 14.22
N GLN B 167 -20.57 24.34 14.65
CA GLN B 167 -21.00 25.64 14.16
C GLN B 167 -20.05 26.77 14.57
N GLN B 168 -19.46 26.68 15.76
CA GLN B 168 -18.55 27.72 16.22
C GLN B 168 -17.21 27.63 15.47
N ALA B 169 -16.78 26.39 15.23
CA ALA B 169 -15.54 26.15 14.51
C ALA B 169 -15.71 26.65 13.07
N ALA B 170 -16.89 26.40 12.51
CA ALA B 170 -17.20 26.82 11.15
C ALA B 170 -17.23 28.33 11.02
N GLN B 171 -17.73 29.00 12.05
CA GLN B 171 -17.82 30.46 12.05
C GLN B 171 -16.44 31.10 12.22
N LYS B 172 -15.62 30.50 13.08
CA LYS B 172 -14.27 31.03 13.32
C LYS B 172 -13.38 30.89 12.08
N LEU B 173 -13.39 29.69 11.48
CA LEU B 173 -12.55 29.43 10.31
C LEU B 173 -13.24 29.71 8.97
N ASN B 174 -14.50 30.14 9.03
CA ASN B 174 -15.27 30.44 7.82
C ASN B 174 -15.15 29.29 6.81
N THR B 175 -15.52 28.10 7.23
CA THR B 175 -15.44 26.93 6.38
C THR B 175 -16.51 25.94 6.80
N VAL B 176 -16.53 24.77 6.15
CA VAL B 176 -17.49 23.74 6.50
C VAL B 176 -16.78 22.79 7.45
N ILE B 177 -17.45 22.44 8.55
CA ILE B 177 -16.85 21.54 9.53
C ILE B 177 -17.62 20.23 9.60
N ALA B 178 -16.92 19.14 9.33
CA ALA B 178 -17.52 17.83 9.38
C ALA B 178 -16.87 17.02 10.50
N ILE B 179 -17.59 16.90 11.62
CA ILE B 179 -17.09 16.14 12.77
C ILE B 179 -17.61 14.72 12.60
N THR B 180 -16.71 13.79 12.34
CA THR B 180 -17.09 12.41 12.14
C THR B 180 -17.13 11.57 13.41
N GLY B 181 -18.00 10.57 13.38
CA GLY B 181 -18.17 9.68 14.51
C GLY B 181 -19.44 8.89 14.27
N GLU B 182 -19.88 8.12 15.26
CA GLU B 182 -21.08 7.32 15.12
C GLU B 182 -22.34 8.18 14.97
N VAL B 183 -22.16 9.46 14.66
CA VAL B 183 -23.29 10.38 14.49
C VAL B 183 -23.08 11.45 13.41
N ASP B 184 -21.82 11.72 13.05
CA ASP B 184 -21.48 12.74 12.06
C ASP B 184 -22.28 14.03 12.15
N VAL B 185 -21.58 15.13 12.44
CA VAL B 185 -22.20 16.43 12.56
C VAL B 185 -21.53 17.37 11.56
N ILE B 186 -22.30 17.85 10.58
CA ILE B 186 -21.75 18.75 9.57
C ILE B 186 -22.39 20.12 9.67
N ALA B 187 -21.58 21.16 9.59
CA ALA B 187 -22.10 22.51 9.68
C ALA B 187 -21.26 23.55 8.95
N ASP B 188 -21.91 24.66 8.61
CA ASP B 188 -21.22 25.77 8.00
C ASP B 188 -21.63 26.91 8.91
N THR B 189 -21.31 28.15 8.57
CA THR B 189 -21.63 29.28 9.43
C THR B 189 -23.08 29.43 9.92
N SER B 190 -24.05 28.98 9.14
CA SER B 190 -25.44 29.13 9.56
C SER B 190 -26.34 27.91 9.49
N HIS B 191 -25.77 26.76 9.16
CA HIS B 191 -26.55 25.53 9.07
C HIS B 191 -25.82 24.33 9.67
N VAL B 192 -26.56 23.43 10.31
CA VAL B 192 -25.99 22.24 10.91
C VAL B 192 -26.85 21.01 10.63
N TYR B 193 -26.21 19.90 10.30
CA TYR B 193 -26.90 18.65 10.00
C TYR B 193 -26.26 17.47 10.73
N THR B 194 -27.07 16.48 11.10
CA THR B 194 -26.55 15.28 11.73
C THR B 194 -26.75 14.14 10.72
N LEU B 195 -25.74 13.30 10.56
CA LEU B 195 -25.80 12.18 9.61
C LEU B 195 -25.72 10.87 10.37
N HIS B 196 -26.56 9.90 10.00
CA HIS B 196 -26.60 8.64 10.72
C HIS B 196 -26.41 7.38 9.87
N ASN B 197 -25.28 7.29 9.19
CA ASN B 197 -24.99 6.12 8.36
C ASN B 197 -23.60 5.58 8.62
N GLY B 198 -23.32 4.39 8.10
CA GLY B 198 -22.02 3.79 8.28
C GLY B 198 -22.10 2.50 9.07
N HIS B 199 -20.95 1.94 9.43
CA HIS B 199 -20.90 0.70 10.19
C HIS B 199 -19.58 0.62 10.94
N LYS B 200 -19.61 -0.02 12.11
CA LYS B 200 -18.43 -0.18 12.97
C LYS B 200 -17.23 -0.87 12.32
N LEU B 201 -17.46 -1.73 11.33
CA LEU B 201 -16.34 -2.41 10.69
C LEU B 201 -15.33 -1.44 10.08
N LEU B 202 -15.77 -0.22 9.79
CA LEU B 202 -14.89 0.78 9.21
C LEU B 202 -13.68 1.04 10.12
N THR B 203 -13.85 0.83 11.43
CA THR B 203 -12.78 1.05 12.40
C THR B 203 -11.71 -0.04 12.33
N LYS B 204 -11.98 -1.11 11.59
CA LYS B 204 -11.02 -2.21 11.48
C LYS B 204 -10.22 -2.16 10.19
N VAL B 205 -10.47 -1.16 9.36
CA VAL B 205 -9.77 -1.01 8.09
C VAL B 205 -9.01 0.32 8.09
N THR B 206 -7.69 0.25 7.98
CA THR B 206 -6.88 1.46 7.97
C THR B 206 -7.17 2.26 6.70
N GLY B 207 -7.22 3.58 6.84
CA GLY B 207 -7.50 4.42 5.68
C GLY B 207 -8.98 4.67 5.49
N ALA B 208 -9.78 4.22 6.44
CA ALA B 208 -11.23 4.42 6.39
C ALA B 208 -11.52 5.91 6.36
N GLY B 209 -11.16 6.59 7.45
CA GLY B 209 -11.41 8.03 7.53
C GLY B 209 -10.63 8.77 6.46
N SER B 210 -9.41 8.32 6.24
CA SER B 210 -8.54 8.90 5.24
C SER B 210 -9.29 8.94 3.90
N LEU B 211 -9.86 7.81 3.51
CA LEU B 211 -10.61 7.72 2.26
C LEU B 211 -11.86 8.61 2.27
N LEU B 212 -12.58 8.61 3.38
CA LEU B 212 -13.78 9.42 3.51
C LEU B 212 -13.51 10.89 3.19
N THR B 213 -12.41 11.43 3.71
CA THR B 213 -12.09 12.83 3.45
C THR B 213 -11.89 13.04 1.96
N SER B 214 -11.23 12.10 1.30
CA SER B 214 -10.99 12.21 -0.14
C SER B 214 -12.30 12.12 -0.91
N VAL B 215 -13.23 11.31 -0.41
CA VAL B 215 -14.53 11.18 -1.06
C VAL B 215 -15.27 12.52 -0.93
N VAL B 216 -15.10 13.17 0.23
CA VAL B 216 -15.71 14.48 0.41
C VAL B 216 -15.13 15.37 -0.68
N GLY B 217 -13.83 15.21 -0.93
CA GLY B 217 -13.17 15.99 -1.96
C GLY B 217 -13.80 15.75 -3.33
N ALA B 218 -14.00 14.48 -3.67
CA ALA B 218 -14.60 14.12 -4.95
C ALA B 218 -15.95 14.82 -5.10
N PHE B 219 -16.76 14.82 -4.04
CA PHE B 219 -18.06 15.47 -4.08
C PHE B 219 -17.96 17.00 -4.14
N CYS B 220 -16.97 17.57 -3.48
CA CYS B 220 -16.79 19.02 -3.51
C CYS B 220 -16.42 19.45 -4.92
N ALA B 221 -15.85 18.52 -5.69
CA ALA B 221 -15.44 18.81 -7.05
C ALA B 221 -16.61 18.95 -8.02
N VAL B 222 -17.78 18.43 -7.65
CA VAL B 222 -18.93 18.53 -8.54
C VAL B 222 -20.14 19.26 -7.96
N GLU B 223 -20.05 19.63 -6.68
CA GLU B 223 -21.14 20.35 -6.01
C GLU B 223 -20.60 21.67 -5.44
N GLU B 224 -21.14 22.79 -5.91
CA GLU B 224 -20.70 24.10 -5.49
C GLU B 224 -20.72 24.36 -3.99
N ASN B 225 -21.79 23.92 -3.30
CA ASN B 225 -21.89 24.13 -1.87
C ASN B 225 -21.19 23.02 -1.11
N PRO B 226 -20.03 23.31 -0.51
CA PRO B 226 -19.29 22.29 0.24
C PRO B 226 -20.09 21.62 1.36
N LEU B 227 -21.04 22.33 1.97
CA LEU B 227 -21.84 21.75 3.02
C LEU B 227 -22.67 20.60 2.43
N PHE B 228 -23.30 20.87 1.30
CA PHE B 228 -24.10 19.86 0.63
C PHE B 228 -23.19 18.75 0.11
N ALA B 229 -22.05 19.14 -0.45
CA ALA B 229 -21.08 18.20 -0.98
C ALA B 229 -20.62 17.21 0.10
N ALA B 230 -20.30 17.73 1.29
CA ALA B 230 -19.86 16.89 2.40
C ALA B 230 -20.97 15.96 2.88
N ILE B 231 -22.19 16.49 2.96
CA ILE B 231 -23.31 15.66 3.41
C ILE B 231 -23.55 14.51 2.45
N ALA B 232 -23.53 14.81 1.15
CA ALA B 232 -23.76 13.80 0.13
C ALA B 232 -22.65 12.76 0.13
N ALA B 233 -21.41 13.23 0.28
CA ALA B 233 -20.26 12.32 0.28
C ALA B 233 -20.29 11.37 1.47
N ILE B 234 -20.51 11.92 2.66
CA ILE B 234 -20.56 11.12 3.88
C ILE B 234 -21.74 10.15 3.88
N SER B 235 -22.88 10.60 3.37
CA SER B 235 -24.06 9.75 3.30
C SER B 235 -23.81 8.60 2.31
N SER B 236 -23.28 8.92 1.14
CA SER B 236 -23.01 7.91 0.12
C SER B 236 -22.01 6.86 0.62
N TYR B 237 -20.93 7.33 1.24
CA TYR B 237 -19.90 6.45 1.78
C TYR B 237 -20.49 5.55 2.86
N GLY B 238 -21.27 6.15 3.77
CA GLY B 238 -21.89 5.40 4.84
C GLY B 238 -22.84 4.31 4.35
N VAL B 239 -23.68 4.65 3.37
CA VAL B 239 -24.61 3.69 2.82
C VAL B 239 -23.82 2.53 2.19
N ALA B 240 -22.75 2.87 1.48
CA ALA B 240 -21.91 1.83 0.86
C ALA B 240 -21.30 0.94 1.94
N ALA B 241 -20.89 1.54 3.06
CA ALA B 241 -20.30 0.78 4.15
C ALA B 241 -21.35 -0.19 4.74
N GLN B 242 -22.57 0.29 4.90
CA GLN B 242 -23.62 -0.56 5.45
C GLN B 242 -23.86 -1.77 4.54
N LEU B 243 -23.93 -1.55 3.24
CA LEU B 243 -24.14 -2.63 2.29
C LEU B 243 -22.98 -3.60 2.32
N ALA B 244 -21.76 -3.07 2.45
CA ALA B 244 -20.57 -3.90 2.49
C ALA B 244 -20.59 -4.76 3.76
N ALA B 245 -20.99 -4.16 4.88
CA ALA B 245 -21.05 -4.89 6.14
C ALA B 245 -22.07 -6.03 6.10
N GLN B 246 -23.16 -5.81 5.39
CA GLN B 246 -24.20 -6.81 5.28
C GLN B 246 -23.76 -7.99 4.43
N GLN B 247 -23.03 -7.72 3.36
CA GLN B 247 -22.52 -8.77 2.49
C GLN B 247 -21.40 -9.52 3.21
N THR B 248 -20.52 -8.78 3.89
CA THR B 248 -19.41 -9.37 4.61
C THR B 248 -19.88 -10.28 5.73
N ALA B 249 -20.89 -9.83 6.47
CA ALA B 249 -21.43 -10.59 7.59
C ALA B 249 -20.35 -10.81 8.64
N ASP B 250 -20.03 -12.07 8.91
CA ASP B 250 -19.03 -12.40 9.92
C ASP B 250 -17.72 -12.92 9.32
N LYS B 251 -17.50 -12.67 8.04
CA LYS B 251 -16.28 -13.14 7.39
C LYS B 251 -15.03 -12.50 7.98
N GLY B 252 -15.11 -11.23 8.36
CA GLY B 252 -13.95 -10.57 8.93
C GLY B 252 -13.59 -9.22 8.34
N PRO B 253 -12.63 -8.50 8.95
CA PRO B 253 -12.20 -7.18 8.48
C PRO B 253 -11.52 -7.17 7.12
N GLY B 254 -10.93 -8.31 6.75
CA GLY B 254 -10.29 -8.40 5.46
C GLY B 254 -11.35 -8.37 4.38
N SER B 255 -12.35 -9.24 4.52
CA SER B 255 -13.44 -9.28 3.56
C SER B 255 -14.20 -7.96 3.50
N PHE B 256 -14.34 -7.30 4.65
CA PHE B 256 -15.06 -6.03 4.68
C PHE B 256 -14.32 -4.96 3.86
N GLN B 257 -13.00 -4.93 3.99
CA GLN B 257 -12.19 -3.96 3.25
C GLN B 257 -12.49 -4.07 1.76
N ILE B 258 -12.44 -5.30 1.23
CA ILE B 258 -12.70 -5.53 -0.19
C ILE B 258 -14.14 -5.19 -0.55
N GLU B 259 -15.07 -5.48 0.35
CA GLU B 259 -16.48 -5.20 0.11
C GLU B 259 -16.77 -3.69 0.09
N LEU B 260 -16.04 -2.93 0.90
CA LEU B 260 -16.26 -1.48 0.90
C LEU B 260 -15.87 -0.94 -0.48
N LEU B 261 -14.78 -1.45 -1.04
CA LEU B 261 -14.36 -1.00 -2.36
C LEU B 261 -15.42 -1.44 -3.38
N ASN B 262 -15.91 -2.67 -3.24
CA ASN B 262 -16.94 -3.16 -4.15
C ASN B 262 -18.17 -2.26 -4.11
N LYS B 263 -18.68 -2.01 -2.91
CA LYS B 263 -19.87 -1.19 -2.74
C LYS B 263 -19.75 0.28 -3.13
N LEU B 264 -18.55 0.84 -3.04
CA LEU B 264 -18.36 2.23 -3.44
C LEU B 264 -18.62 2.33 -4.94
N SER B 265 -18.52 1.20 -5.63
CA SER B 265 -18.76 1.16 -7.07
C SER B 265 -20.19 0.73 -7.39
N THR B 266 -20.73 -0.21 -6.62
CA THR B 266 -22.08 -0.71 -6.88
C THR B 266 -23.21 0.05 -6.22
N VAL B 267 -22.93 0.81 -5.16
CA VAL B 267 -23.99 1.58 -4.50
C VAL B 267 -24.68 2.46 -5.55
N THR B 268 -26.00 2.47 -5.52
CA THR B 268 -26.78 3.24 -6.50
C THR B 268 -27.48 4.46 -5.91
N GLU B 269 -27.98 5.29 -6.80
CA GLU B 269 -28.72 6.49 -6.40
C GLU B 269 -29.87 6.02 -5.52
N GLN B 270 -30.49 4.91 -5.91
CA GLN B 270 -31.61 4.35 -5.18
C GLN B 270 -31.25 3.88 -3.78
N ASP B 271 -30.04 3.36 -3.63
CA ASP B 271 -29.60 2.89 -2.31
C ASP B 271 -29.46 4.12 -1.40
N VAL B 272 -28.95 5.21 -1.95
CA VAL B 272 -28.76 6.42 -1.17
C VAL B 272 -30.11 6.99 -0.76
N GLN B 273 -31.02 7.10 -1.72
CA GLN B 273 -32.36 7.61 -1.46
C GLN B 273 -33.05 6.80 -0.36
N GLU B 274 -32.91 5.49 -0.44
CA GLU B 274 -33.55 4.59 0.51
C GLU B 274 -32.91 4.53 1.90
N TRP B 275 -31.58 4.58 1.97
CA TRP B 275 -30.89 4.46 3.26
C TRP B 275 -30.24 5.68 3.90
N ALA B 276 -29.97 6.72 3.11
CA ALA B 276 -29.32 7.90 3.69
C ALA B 276 -30.19 8.55 4.77
N THR B 277 -29.61 8.72 5.95
CA THR B 277 -30.31 9.35 7.07
C THR B 277 -29.71 10.71 7.36
N ILE B 278 -30.35 11.75 6.82
CA ILE B 278 -29.88 13.13 6.96
C ILE B 278 -30.90 13.97 7.73
N GLU B 279 -30.46 14.64 8.78
CA GLU B 279 -31.35 15.46 9.59
C GLU B 279 -30.82 16.86 9.83
N ARG B 280 -31.63 17.86 9.46
CA ARG B 280 -31.27 19.25 9.66
C ARG B 280 -31.55 19.61 11.11
N VAL B 281 -30.56 20.16 11.79
CA VAL B 281 -30.71 20.52 13.20
C VAL B 281 -31.40 21.87 13.35
N THR B 282 -32.49 21.88 14.13
CA THR B 282 -33.24 23.10 14.38
C THR B 282 -32.49 23.97 15.40
N VAL B 283 -32.14 25.18 14.98
CA VAL B 283 -31.41 26.09 15.86
C VAL B 283 -32.12 27.43 16.02
N SER B 284 -32.92 27.55 17.07
CA SER B 284 -33.65 28.80 17.33
C SER B 284 -32.82 29.68 18.26
N MET C 1 0.26 -3.03 31.19
CA MET C 1 -0.42 -4.19 30.55
C MET C 1 0.57 -5.32 30.28
N ARG C 2 1.83 -5.08 30.60
CA ARG C 2 2.88 -6.08 30.37
C ARG C 2 2.98 -7.04 31.55
N GLY C 3 2.15 -8.08 31.53
CA GLY C 3 2.18 -9.05 32.60
C GLY C 3 3.10 -10.23 32.35
N SER C 4 2.94 -11.27 33.15
CA SER C 4 3.74 -12.49 33.05
C SER C 4 2.76 -13.64 32.86
N HIS C 5 2.73 -14.21 31.66
CA HIS C 5 1.80 -15.27 31.36
C HIS C 5 2.40 -16.67 31.35
N HIS C 6 3.68 -16.78 31.68
CA HIS C 6 4.33 -18.09 31.76
C HIS C 6 5.72 -17.99 32.35
N HIS C 7 6.15 -19.07 33.00
CA HIS C 7 7.48 -19.12 33.58
C HIS C 7 7.98 -20.54 33.40
N HIS C 8 9.27 -20.66 33.14
CA HIS C 8 9.88 -21.96 32.94
C HIS C 8 9.79 -22.82 34.21
N HIS C 9 9.61 -22.17 35.35
CA HIS C 9 9.47 -22.87 36.62
C HIS C 9 8.20 -23.71 36.66
N HIS C 10 7.31 -23.47 35.71
CA HIS C 10 6.05 -24.20 35.61
C HIS C 10 6.07 -25.15 34.43
N GLY C 11 7.21 -25.23 33.75
CA GLY C 11 7.33 -26.11 32.60
C GLY C 11 7.69 -25.34 31.34
N SER C 12 7.75 -26.02 30.21
CA SER C 12 8.09 -25.38 28.94
C SER C 12 6.94 -24.55 28.40
N MET C 13 7.28 -23.50 27.66
CA MET C 13 6.27 -22.64 27.04
C MET C 13 5.42 -23.58 26.21
N ASP C 14 4.10 -23.41 26.26
CA ASP C 14 3.23 -24.30 25.52
C ASP C 14 2.04 -23.62 24.85
N ALA C 15 1.19 -24.42 24.22
CA ALA C 15 0.02 -23.92 23.52
C ALA C 15 -0.93 -23.20 24.45
N GLN C 16 -1.06 -23.70 25.69
CA GLN C 16 -1.95 -23.09 26.67
C GLN C 16 -1.52 -21.66 26.99
N SER C 17 -0.25 -21.47 27.33
CA SER C 17 0.26 -20.14 27.65
C SER C 17 0.23 -19.24 26.42
N ALA C 18 0.46 -19.81 25.24
CA ALA C 18 0.42 -19.03 24.01
C ALA C 18 -0.99 -18.46 23.83
N ALA C 19 -1.99 -19.32 24.04
CA ALA C 19 -3.37 -18.89 23.90
C ALA C 19 -3.70 -17.77 24.90
N LYS C 20 -3.13 -17.85 26.09
CA LYS C 20 -3.35 -16.83 27.12
C LYS C 20 -2.80 -15.48 26.66
N CYS C 21 -1.64 -15.50 26.01
CA CYS C 21 -1.06 -14.24 25.53
C CYS C 21 -1.94 -13.63 24.46
N LEU C 22 -2.49 -14.46 23.58
CA LEU C 22 -3.36 -13.97 22.52
C LEU C 22 -4.52 -13.21 23.16
N THR C 23 -5.11 -13.79 24.19
CA THR C 23 -6.22 -13.16 24.89
C THR C 23 -5.80 -11.79 25.43
N ALA C 24 -4.60 -11.73 26.00
CA ALA C 24 -4.08 -10.48 26.55
C ALA C 24 -3.95 -9.38 25.49
N VAL C 25 -3.52 -9.76 24.29
CA VAL C 25 -3.38 -8.80 23.21
C VAL C 25 -4.75 -8.19 22.92
N ARG C 26 -5.75 -9.06 22.77
CA ARG C 26 -7.11 -8.62 22.49
C ARG C 26 -7.63 -7.74 23.62
N ARG C 27 -7.39 -8.16 24.85
CA ARG C 27 -7.86 -7.43 26.02
C ARG C 27 -7.29 -6.02 26.15
N HIS C 28 -5.98 -5.88 25.94
CA HIS C 28 -5.30 -4.60 26.08
C HIS C 28 -5.06 -3.76 24.82
N SER C 29 -5.27 -4.34 23.64
CA SER C 29 -5.07 -3.63 22.38
C SER C 29 -3.82 -2.78 22.48
N PRO C 30 -2.66 -3.41 22.69
CA PRO C 30 -1.40 -2.71 22.82
C PRO C 30 -1.04 -1.84 21.63
N LEU C 31 -0.45 -0.69 21.92
CA LEU C 31 -0.03 0.22 20.88
C LEU C 31 1.28 -0.32 20.34
N VAL C 32 1.33 -0.62 19.04
CA VAL C 32 2.55 -1.13 18.43
C VAL C 32 3.06 -0.13 17.41
N HIS C 33 4.21 0.48 17.72
CA HIS C 33 4.82 1.47 16.84
C HIS C 33 5.72 0.73 15.86
N SER C 34 5.35 0.77 14.59
CA SER C 34 6.11 0.10 13.54
C SER C 34 6.68 1.14 12.58
N ILE C 35 7.98 1.11 12.38
CA ILE C 35 8.62 1.99 11.40
C ILE C 35 9.06 0.94 10.42
N THR C 36 8.22 0.68 9.42
CA THR C 36 8.48 -0.37 8.44
C THR C 36 8.56 0.10 6.99
N ASN C 37 8.84 -0.82 6.07
CA ASN C 37 9.01 -0.47 4.66
C ASN C 37 7.69 -0.08 3.98
N ASN C 38 7.78 0.76 2.94
CA ASN C 38 6.57 1.24 2.28
C ASN C 38 5.83 0.28 1.36
N VAL C 39 6.27 -0.97 1.36
CA VAL C 39 5.61 -1.99 0.55
C VAL C 39 4.62 -2.72 1.46
N VAL C 40 4.84 -2.61 2.77
CA VAL C 40 3.99 -3.32 3.71
C VAL C 40 3.32 -2.52 4.83
N THR C 41 3.40 -1.19 4.77
CA THR C 41 2.80 -0.37 5.82
C THR C 41 1.31 -0.61 6.01
N ASN C 42 0.57 -0.54 4.91
CA ASN C 42 -0.87 -0.74 4.96
C ASN C 42 -1.25 -2.13 5.47
N PHE C 43 -0.60 -3.15 4.95
CA PHE C 43 -0.89 -4.53 5.36
C PHE C 43 -0.55 -4.75 6.84
N THR C 44 0.54 -4.15 7.29
CA THR C 44 0.96 -4.25 8.67
C THR C 44 -0.10 -3.68 9.58
N ALA C 45 -0.54 -2.45 9.26
CA ALA C 45 -1.56 -1.80 10.06
C ALA C 45 -2.86 -2.61 10.09
N ASN C 46 -3.29 -3.08 8.94
CA ASN C 46 -4.53 -3.86 8.88
C ASN C 46 -4.42 -5.18 9.62
N GLY C 47 -3.26 -5.82 9.55
CA GLY C 47 -3.06 -7.07 10.24
C GLY C 47 -3.13 -6.87 11.74
N LEU C 48 -2.53 -5.79 12.21
CA LEU C 48 -2.54 -5.49 13.64
C LEU C 48 -3.97 -5.12 14.10
N LEU C 49 -4.69 -4.36 13.28
CA LEU C 49 -6.06 -3.99 13.63
C LEU C 49 -6.95 -5.23 13.67
N ALA C 50 -6.72 -6.16 12.74
CA ALA C 50 -7.50 -7.39 12.72
C ALA C 50 -7.23 -8.18 13.99
N LEU C 51 -5.95 -8.31 14.35
CA LEU C 51 -5.53 -9.03 15.55
C LEU C 51 -6.12 -8.45 16.82
N GLY C 52 -6.23 -7.12 16.87
CA GLY C 52 -6.78 -6.45 18.03
C GLY C 52 -5.82 -5.45 18.65
N ALA C 53 -4.62 -5.31 18.07
CA ALA C 53 -3.64 -4.37 18.58
C ALA C 53 -3.95 -2.98 17.99
N SER C 54 -3.22 -1.97 18.45
CA SER C 54 -3.41 -0.60 17.98
C SER C 54 -2.16 -0.14 17.24
N PRO C 55 -2.20 -0.19 15.90
CA PRO C 55 -1.02 0.23 15.17
C PRO C 55 -0.80 1.73 15.06
N VAL C 56 0.46 2.13 15.18
CA VAL C 56 0.86 3.53 15.02
C VAL C 56 2.08 3.42 14.09
N MET C 57 2.06 4.22 13.02
CA MET C 57 3.09 4.15 12.00
C MET C 57 3.95 5.39 11.77
N ALA C 58 4.09 6.24 12.77
CA ALA C 58 4.92 7.45 12.62
C ALA C 58 6.33 7.04 12.20
N TYR C 59 6.94 7.80 11.28
CA TYR C 59 8.29 7.47 10.82
C TYR C 59 9.25 8.65 10.72
N ALA C 60 8.72 9.87 10.75
CA ALA C 60 9.56 11.06 10.65
C ALA C 60 10.25 11.36 11.98
N LYS C 61 11.46 11.89 11.91
CA LYS C 61 12.22 12.24 13.10
C LYS C 61 11.49 13.33 13.88
N GLU C 62 10.54 13.99 13.23
CA GLU C 62 9.78 15.05 13.87
C GLU C 62 8.77 14.52 14.89
N GLU C 63 8.60 13.20 14.95
CA GLU C 63 7.65 12.64 15.90
C GLU C 63 7.89 11.20 16.39
N VAL C 64 8.91 10.53 15.87
CA VAL C 64 9.14 9.14 16.29
C VAL C 64 9.48 8.92 17.76
N ALA C 65 10.29 9.81 18.34
CA ALA C 65 10.69 9.66 19.74
C ALA C 65 9.50 9.72 20.70
N ASP C 66 8.68 10.76 20.56
CA ASP C 66 7.53 10.90 21.45
C ASP C 66 6.51 9.78 21.27
N MET C 67 6.46 9.19 20.08
CA MET C 67 5.52 8.11 19.84
C MET C 67 6.01 6.79 20.40
N ALA C 68 7.29 6.49 20.19
CA ALA C 68 7.85 5.23 20.69
C ALA C 68 7.77 5.23 22.21
N LYS C 69 7.98 6.41 22.79
CA LYS C 69 7.94 6.59 24.24
C LYS C 69 6.67 6.08 24.90
N ILE C 70 5.52 6.28 24.24
CA ILE C 70 4.24 5.86 24.80
C ILE C 70 3.68 4.59 24.17
N ALA C 71 4.48 3.91 23.36
CA ALA C 71 4.03 2.69 22.72
C ALA C 71 4.25 1.50 23.64
N GLY C 72 3.60 0.38 23.31
CA GLY C 72 3.76 -0.83 24.09
C GLY C 72 4.97 -1.59 23.56
N ALA C 73 5.27 -1.36 22.28
CA ALA C 73 6.41 -2.00 21.63
C ALA C 73 6.77 -1.19 20.38
N LEU C 74 8.03 -1.26 19.97
CA LEU C 74 8.52 -0.57 18.78
C LEU C 74 9.09 -1.65 17.86
N VAL C 75 8.69 -1.61 16.59
CA VAL C 75 9.18 -2.58 15.63
C VAL C 75 9.85 -1.83 14.48
N LEU C 76 11.08 -2.24 14.18
CA LEU C 76 11.85 -1.62 13.12
C LEU C 76 12.05 -2.61 11.99
N ASN C 77 11.81 -2.16 10.76
CA ASN C 77 11.94 -3.02 9.59
C ASN C 77 12.64 -2.22 8.50
N ILE C 78 13.77 -2.74 8.03
CA ILE C 78 14.57 -2.04 7.02
C ILE C 78 14.32 -2.39 5.54
N GLY C 79 13.13 -2.90 5.23
CA GLY C 79 12.82 -3.29 3.86
C GLY C 79 13.09 -2.28 2.75
N THR C 80 12.79 -1.01 2.99
CA THR C 80 13.02 0.03 1.99
C THR C 80 13.70 1.19 2.68
N LEU C 81 14.75 0.86 3.42
CA LEU C 81 15.48 1.84 4.20
C LEU C 81 16.14 2.93 3.39
N SER C 82 16.42 4.03 4.08
CA SER C 82 17.08 5.21 3.52
C SER C 82 17.94 5.70 4.66
N LYS C 83 18.89 6.58 4.36
CA LYS C 83 19.73 7.11 5.41
C LYS C 83 18.84 7.79 6.44
N GLU C 84 17.81 8.48 5.96
CA GLU C 84 16.88 9.18 6.85
C GLU C 84 16.05 8.26 7.73
N SER C 85 15.50 7.19 7.19
CA SER C 85 14.69 6.30 8.00
C SER C 85 15.51 5.49 9.02
N VAL C 86 16.74 5.13 8.66
CA VAL C 86 17.59 4.40 9.60
C VAL C 86 17.90 5.32 10.79
N GLU C 87 18.07 6.61 10.51
CA GLU C 87 18.34 7.56 11.59
C GLU C 87 17.10 7.68 12.47
N ALA C 88 15.93 7.73 11.85
CA ALA C 88 14.68 7.84 12.58
C ALA C 88 14.46 6.58 13.43
N MET C 89 14.78 5.42 12.88
CA MET C 89 14.61 4.18 13.62
C MET C 89 15.49 4.17 14.87
N ILE C 90 16.71 4.66 14.73
CA ILE C 90 17.63 4.70 15.86
C ILE C 90 17.18 5.70 16.91
N ILE C 91 16.67 6.85 16.47
CA ILE C 91 16.17 7.86 17.40
C ILE C 91 14.99 7.24 18.17
N ALA C 92 14.15 6.51 17.44
CA ALA C 92 12.99 5.85 18.03
C ALA C 92 13.42 4.76 19.00
N GLY C 93 14.39 3.97 18.59
CA GLY C 93 14.89 2.89 19.43
C GLY C 93 15.51 3.42 20.71
N LYS C 94 16.28 4.50 20.62
CA LYS C 94 16.88 5.04 21.84
C LYS C 94 15.81 5.57 22.79
N SER C 95 14.75 6.17 22.25
CA SER C 95 13.67 6.68 23.09
C SER C 95 12.96 5.52 23.77
N ALA C 96 12.73 4.44 23.02
CA ALA C 96 12.08 3.26 23.58
C ALA C 96 12.92 2.66 24.70
N ASN C 97 14.22 2.54 24.47
CA ASN C 97 15.14 1.99 25.46
C ASN C 97 15.06 2.79 26.76
N GLU C 98 15.06 4.12 26.62
CA GLU C 98 15.02 5.01 27.77
C GLU C 98 13.72 4.84 28.57
N HIS C 99 12.65 4.42 27.89
CA HIS C 99 11.38 4.24 28.56
C HIS C 99 10.93 2.80 28.78
N GLY C 100 11.86 1.86 28.64
CA GLY C 100 11.55 0.46 28.84
C GLY C 100 10.59 -0.19 27.86
N VAL C 101 10.48 0.38 26.66
CA VAL C 101 9.59 -0.16 25.64
C VAL C 101 10.40 -1.18 24.82
N PRO C 102 9.91 -2.42 24.71
CA PRO C 102 10.66 -3.42 23.95
C PRO C 102 10.77 -3.05 22.48
N VAL C 103 11.96 -3.28 21.91
CA VAL C 103 12.20 -2.97 20.51
C VAL C 103 12.52 -4.25 19.74
N ILE C 104 11.83 -4.46 18.61
CA ILE C 104 12.04 -5.66 17.80
C ILE C 104 12.59 -5.21 16.44
N LEU C 105 13.57 -5.95 15.92
CA LEU C 105 14.18 -5.62 14.63
C LEU C 105 13.93 -6.70 13.58
N ASP C 106 13.57 -6.28 12.37
CA ASP C 106 13.35 -7.20 11.25
C ASP C 106 14.40 -6.74 10.22
N PRO C 107 15.55 -7.42 10.16
CA PRO C 107 16.62 -7.05 9.22
C PRO C 107 16.44 -7.52 7.78
N VAL C 108 15.28 -7.19 7.20
CA VAL C 108 14.94 -7.56 5.83
C VAL C 108 16.08 -7.25 4.84
N GLY C 109 16.55 -8.28 4.15
CA GLY C 109 17.59 -8.11 3.16
C GLY C 109 19.00 -7.92 3.70
N ALA C 110 19.20 -8.14 5.00
CA ALA C 110 20.54 -7.99 5.55
C ALA C 110 21.37 -9.01 4.78
N GLY C 111 22.46 -8.57 4.17
CA GLY C 111 23.31 -9.47 3.40
C GLY C 111 23.15 -9.28 1.90
N ALA C 112 22.00 -8.78 1.47
CA ALA C 112 21.74 -8.57 0.05
C ALA C 112 22.62 -7.45 -0.49
N THR C 113 22.68 -6.36 0.26
CA THR C 113 23.51 -5.21 -0.12
C THR C 113 24.25 -4.77 1.13
N PRO C 114 25.43 -4.16 0.96
CA PRO C 114 26.24 -3.70 2.10
C PRO C 114 25.49 -2.69 2.98
N PHE C 115 24.76 -1.78 2.34
CA PHE C 115 24.00 -0.77 3.06
C PHE C 115 23.04 -1.39 4.08
N ARG C 116 22.37 -2.46 3.68
CA ARG C 116 21.43 -3.11 4.59
C ARG C 116 22.16 -3.80 5.73
N THR C 117 23.27 -4.46 5.40
CA THR C 117 24.04 -5.15 6.42
C THR C 117 24.56 -4.16 7.44
N GLU C 118 25.11 -3.05 6.97
CA GLU C 118 25.65 -2.07 7.89
C GLU C 118 24.59 -1.31 8.68
N SER C 119 23.43 -1.06 8.07
CA SER C 119 22.37 -0.36 8.77
C SER C 119 21.83 -1.24 9.88
N ALA C 120 21.74 -2.55 9.62
CA ALA C 120 21.24 -3.48 10.64
C ALA C 120 22.22 -3.48 11.82
N ARG C 121 23.51 -3.50 11.51
CA ARG C 121 24.54 -3.51 12.54
C ARG C 121 24.60 -2.20 13.31
N ASP C 122 24.29 -1.09 12.63
CA ASP C 122 24.29 0.22 13.27
C ASP C 122 23.15 0.26 14.29
N ILE C 123 22.00 -0.27 13.91
CA ILE C 123 20.84 -0.29 14.79
C ILE C 123 21.12 -1.12 16.05
N ILE C 124 21.74 -2.27 15.86
CA ILE C 124 22.05 -3.14 16.98
C ILE C 124 23.08 -2.52 17.93
N ARG C 125 24.00 -1.74 17.38
CA ARG C 125 25.00 -1.08 18.22
C ARG C 125 24.40 0.09 19.00
N GLU C 126 23.40 0.74 18.43
CA GLU C 126 22.80 1.91 19.07
C GLU C 126 21.50 1.67 19.81
N VAL C 127 20.89 0.50 19.59
CA VAL C 127 19.60 0.19 20.21
C VAL C 127 19.61 -1.18 20.88
N ARG C 128 19.13 -1.25 22.12
CA ARG C 128 19.04 -2.53 22.82
C ARG C 128 17.75 -3.17 22.31
N LEU C 129 17.87 -4.36 21.73
CA LEU C 129 16.72 -5.06 21.17
C LEU C 129 16.21 -6.20 22.03
N ALA C 130 14.88 -6.37 22.05
CA ALA C 130 14.24 -7.45 22.80
C ALA C 130 14.22 -8.70 21.96
N ALA C 131 14.18 -8.54 20.64
CA ALA C 131 14.17 -9.66 19.71
C ALA C 131 14.52 -9.22 18.28
N ILE C 132 15.08 -10.16 17.53
CA ILE C 132 15.42 -9.92 16.15
C ILE C 132 14.82 -11.11 15.42
N ARG C 133 14.12 -10.85 14.31
CA ARG C 133 13.50 -11.90 13.54
C ARG C 133 13.83 -11.78 12.06
N GLY C 134 14.39 -12.85 11.50
CA GLY C 134 14.74 -12.84 10.09
C GLY C 134 15.07 -14.25 9.64
N ASN C 135 15.41 -14.44 8.37
CA ASN C 135 15.78 -15.79 7.94
C ASN C 135 17.22 -16.02 8.33
N ALA C 136 17.67 -17.27 8.21
CA ALA C 136 19.03 -17.64 8.60
C ALA C 136 20.12 -16.75 8.04
N ALA C 137 20.03 -16.40 6.76
CA ALA C 137 21.03 -15.54 6.12
C ALA C 137 21.04 -14.14 6.73
N GLU C 138 19.85 -13.53 6.85
CA GLU C 138 19.76 -12.19 7.41
C GLU C 138 20.32 -12.16 8.83
N ILE C 139 20.02 -13.18 9.62
CA ILE C 139 20.52 -13.22 10.98
C ILE C 139 22.04 -13.39 10.98
N ALA C 140 22.52 -14.30 10.13
CA ALA C 140 23.95 -14.57 10.02
C ALA C 140 24.70 -13.29 9.70
N HIS C 141 24.24 -12.58 8.66
CA HIS C 141 24.89 -11.34 8.26
C HIS C 141 24.74 -10.27 9.31
N THR C 142 23.55 -10.17 9.91
CA THR C 142 23.31 -9.15 10.93
C THR C 142 24.20 -9.30 12.16
N VAL C 143 24.41 -10.54 12.61
CA VAL C 143 25.23 -10.77 13.79
C VAL C 143 26.73 -10.84 13.49
N GLY C 144 27.10 -10.80 12.21
CA GLY C 144 28.52 -10.83 11.87
C GLY C 144 29.20 -12.17 11.61
N VAL C 145 28.47 -13.16 11.12
CA VAL C 145 29.09 -14.45 10.84
C VAL C 145 30.05 -14.30 9.66
N THR C 146 31.18 -14.99 9.73
CA THR C 146 32.17 -14.90 8.67
C THR C 146 31.60 -15.31 7.32
N ASP C 147 31.96 -14.55 6.30
CA ASP C 147 31.53 -14.76 4.92
C ASP C 147 31.34 -16.21 4.49
N TRP C 148 32.45 -16.93 4.37
CA TRP C 148 32.44 -18.32 3.92
C TRP C 148 31.55 -19.28 4.73
N LEU C 149 31.22 -18.92 5.97
CA LEU C 149 30.36 -19.78 6.78
C LEU C 149 28.90 -19.69 6.39
N ILE C 150 28.50 -18.55 5.82
CA ILE C 150 27.11 -18.33 5.41
C ILE C 150 26.57 -19.44 4.52
N LYS C 151 27.40 -19.94 3.61
CA LYS C 151 27.00 -21.01 2.70
C LYS C 151 26.20 -22.10 3.40
N GLY C 152 26.49 -22.32 4.68
CA GLY C 152 25.80 -23.34 5.45
C GLY C 152 24.31 -23.08 5.66
N VAL C 153 23.67 -22.55 4.63
CA VAL C 153 22.25 -22.23 4.67
C VAL C 153 21.59 -22.72 3.38
N ASP C 154 22.34 -22.69 2.29
CA ASP C 154 21.83 -23.12 0.99
C ASP C 154 21.50 -24.61 1.01
N ALA C 155 21.19 -25.14 -0.17
CA ALA C 155 20.84 -26.56 -0.31
C ALA C 155 19.64 -26.92 0.55
N GLY C 156 19.40 -28.22 0.71
CA GLY C 156 18.27 -28.66 1.51
C GLY C 156 18.63 -28.82 2.97
N GLU C 157 18.13 -27.92 3.80
CA GLU C 157 18.39 -27.96 5.23
C GLU C 157 17.41 -27.08 5.99
N GLY C 158 16.91 -27.58 7.12
CA GLY C 158 15.96 -26.82 7.91
C GLY C 158 15.83 -27.34 9.33
N GLY C 159 16.95 -27.77 9.91
CA GLY C 159 16.93 -28.29 11.26
C GLY C 159 18.26 -28.88 11.69
N GLY C 160 18.95 -28.19 12.58
CA GLY C 160 20.24 -28.67 13.05
C GLY C 160 21.19 -27.55 13.43
N ASP C 161 22.01 -27.13 12.46
CA ASP C 161 22.98 -26.06 12.68
C ASP C 161 22.29 -24.72 12.89
N ILE C 162 21.01 -24.64 12.56
CA ILE C 162 20.27 -23.39 12.72
C ILE C 162 19.97 -23.19 14.20
N ILE C 163 19.86 -24.29 14.93
CA ILE C 163 19.60 -24.25 16.36
C ILE C 163 20.80 -23.61 17.05
N ARG C 164 22.00 -23.95 16.60
CA ARG C 164 23.20 -23.39 17.19
C ARG C 164 23.35 -21.92 16.81
N LEU C 165 23.06 -21.59 15.55
CA LEU C 165 23.16 -20.21 15.10
C LEU C 165 22.25 -19.33 15.95
N ALA C 166 21.02 -19.78 16.17
CA ALA C 166 20.07 -19.00 16.96
C ALA C 166 20.54 -18.77 18.40
N GLN C 167 20.93 -19.82 19.11
CA GLN C 167 21.39 -19.62 20.48
C GLN C 167 22.67 -18.80 20.55
N GLN C 168 23.64 -19.12 19.70
CA GLN C 168 24.90 -18.38 19.70
C GLN C 168 24.70 -16.91 19.37
N ALA C 169 23.75 -16.61 18.49
CA ALA C 169 23.48 -15.21 18.15
C ALA C 169 22.79 -14.52 19.32
N ALA C 170 21.90 -15.25 20.00
CA ALA C 170 21.18 -14.67 21.14
C ALA C 170 22.16 -14.35 22.27
N GLN C 171 23.17 -15.20 22.42
CA GLN C 171 24.17 -15.01 23.46
C GLN C 171 25.07 -13.83 23.15
N LYS C 172 25.50 -13.70 21.89
CA LYS C 172 26.37 -12.59 21.50
C LYS C 172 25.67 -11.24 21.62
N LEU C 173 24.39 -11.20 21.26
CA LEU C 173 23.64 -9.94 21.30
C LEU C 173 22.71 -9.82 22.49
N ASN C 174 22.80 -10.76 23.42
CA ASN C 174 21.94 -10.76 24.60
C ASN C 174 20.52 -10.36 24.23
N THR C 175 19.90 -11.15 23.36
CA THR C 175 18.56 -10.86 22.90
C THR C 175 17.86 -12.17 22.53
N VAL C 176 16.67 -12.06 21.95
CA VAL C 176 15.94 -13.24 21.50
C VAL C 176 16.10 -13.27 19.99
N ILE C 177 16.48 -14.42 19.47
CA ILE C 177 16.69 -14.57 18.03
C ILE C 177 15.66 -15.54 17.46
N ALA C 178 14.87 -15.05 16.52
CA ALA C 178 13.86 -15.88 15.87
C ALA C 178 14.27 -16.08 14.41
N ILE C 179 14.67 -17.29 14.05
CA ILE C 179 15.06 -17.57 12.68
C ILE C 179 13.88 -18.22 11.97
N THR C 180 13.30 -17.46 11.03
CA THR C 180 12.13 -17.88 10.27
C THR C 180 12.40 -18.96 9.22
N GLY C 181 11.42 -19.83 9.04
CA GLY C 181 11.51 -20.92 8.07
C GLY C 181 10.23 -21.73 8.18
N GLU C 182 10.06 -22.78 7.39
CA GLU C 182 8.85 -23.58 7.50
C GLU C 182 8.77 -23.92 8.98
N VAL C 183 9.91 -24.32 9.52
CA VAL C 183 10.06 -24.62 10.94
C VAL C 183 10.82 -23.41 11.47
N ASP C 184 10.26 -22.76 12.48
CA ASP C 184 10.90 -21.59 13.08
C ASP C 184 11.76 -22.03 14.25
N VAL C 185 12.91 -21.38 14.42
CA VAL C 185 13.82 -21.68 15.52
C VAL C 185 13.95 -20.41 16.34
N ILE C 186 13.56 -20.46 17.60
CA ILE C 186 13.67 -19.28 18.43
C ILE C 186 14.45 -19.59 19.70
N ALA C 187 15.25 -18.64 20.15
CA ALA C 187 16.05 -18.89 21.34
C ALA C 187 16.52 -17.61 22.00
N ASP C 188 16.83 -17.69 23.29
CA ASP C 188 17.40 -16.56 23.99
C ASP C 188 18.75 -17.13 24.45
N THR C 189 19.45 -16.46 25.36
CA THR C 189 20.76 -16.96 25.75
C THR C 189 20.83 -18.39 26.31
N SER C 190 19.79 -18.84 27.01
CA SER C 190 19.82 -20.17 27.61
C SER C 190 18.75 -21.17 27.19
N HIS C 191 17.79 -20.75 26.39
CA HIS C 191 16.71 -21.65 25.96
C HIS C 191 16.47 -21.62 24.46
N VAL C 192 16.03 -22.75 23.93
CA VAL C 192 15.75 -22.90 22.51
C VAL C 192 14.45 -23.66 22.25
N TYR C 193 13.68 -23.22 21.26
CA TYR C 193 12.43 -23.87 20.88
C TYR C 193 12.30 -23.89 19.36
N THR C 194 11.58 -24.87 18.85
CA THR C 194 11.31 -24.92 17.42
C THR C 194 9.80 -24.79 17.31
N LEU C 195 9.32 -24.05 16.30
CA LEU C 195 7.90 -23.83 16.11
C LEU C 195 7.47 -24.41 14.78
N HIS C 196 6.33 -25.11 14.77
CA HIS C 196 5.89 -25.78 13.55
C HIS C 196 4.49 -25.42 13.03
N ASN C 197 4.20 -24.12 12.92
CA ASN C 197 2.91 -23.70 12.41
C ASN C 197 3.09 -22.82 11.18
N GLY C 198 1.98 -22.48 10.55
CA GLY C 198 2.03 -21.65 9.36
C GLY C 198 1.65 -22.40 8.11
N HIS C 199 1.78 -21.75 6.97
CA HIS C 199 1.44 -22.36 5.69
C HIS C 199 2.31 -21.71 4.63
N LYS C 200 2.66 -22.46 3.59
CA LYS C 200 3.50 -21.92 2.53
C LYS C 200 2.89 -20.76 1.75
N LEU C 201 1.57 -20.59 1.84
CA LEU C 201 0.93 -19.49 1.11
C LEU C 201 1.42 -18.13 1.60
N LEU C 202 1.90 -18.10 2.84
CA LEU C 202 2.42 -16.86 3.42
C LEU C 202 3.57 -16.32 2.58
N THR C 203 4.27 -17.21 1.87
CA THR C 203 5.40 -16.80 1.04
C THR C 203 4.95 -16.11 -0.24
N LYS C 204 3.64 -16.15 -0.51
CA LYS C 204 3.09 -15.53 -1.71
C LYS C 204 2.42 -14.21 -1.42
N VAL C 205 2.53 -13.73 -0.18
CA VAL C 205 1.90 -12.47 0.20
C VAL C 205 2.96 -11.51 0.75
N THR C 206 3.14 -10.38 0.07
CA THR C 206 4.15 -9.43 0.53
C THR C 206 3.70 -8.84 1.87
N GLY C 207 4.67 -8.70 2.79
CA GLY C 207 4.35 -8.17 4.10
C GLY C 207 3.98 -9.25 5.09
N ALA C 208 3.78 -10.47 4.62
CA ALA C 208 3.42 -11.56 5.52
C ALA C 208 4.49 -11.67 6.60
N GLY C 209 5.75 -11.51 6.22
CA GLY C 209 6.85 -11.59 7.16
C GLY C 209 6.92 -10.36 8.05
N SER C 210 6.85 -9.19 7.42
CA SER C 210 6.89 -7.93 8.16
C SER C 210 5.76 -7.84 9.18
N LEU C 211 4.58 -8.31 8.79
CA LEU C 211 3.44 -8.27 9.69
C LEU C 211 3.73 -9.14 10.90
N LEU C 212 4.30 -10.32 10.67
CA LEU C 212 4.61 -11.20 11.79
C LEU C 212 5.54 -10.54 12.80
N THR C 213 6.55 -9.83 12.30
CA THR C 213 7.46 -9.18 13.23
C THR C 213 6.70 -8.15 14.08
N SER C 214 5.79 -7.41 13.45
CA SER C 214 5.03 -6.43 14.20
C SER C 214 4.09 -7.15 15.16
N VAL C 215 3.63 -8.33 14.76
CA VAL C 215 2.77 -9.12 15.64
C VAL C 215 3.59 -9.54 16.86
N VAL C 216 4.85 -9.86 16.65
CA VAL C 216 5.71 -10.23 17.78
C VAL C 216 5.73 -9.02 18.72
N GLY C 217 5.77 -7.82 18.14
CA GLY C 217 5.78 -6.60 18.94
C GLY C 217 4.52 -6.52 19.81
N ALA C 218 3.37 -6.79 19.21
CA ALA C 218 2.11 -6.77 19.94
C ALA C 218 2.16 -7.66 21.18
N PHE C 219 2.75 -8.85 21.02
CA PHE C 219 2.85 -9.79 22.14
C PHE C 219 3.88 -9.39 23.20
N CYS C 220 5.00 -8.81 22.77
CA CYS C 220 6.02 -8.35 23.71
C CYS C 220 5.45 -7.22 24.59
N ALA C 221 4.41 -6.56 24.09
CA ALA C 221 3.79 -5.48 24.86
C ALA C 221 2.95 -6.01 26.02
N VAL C 222 2.51 -7.27 25.92
CA VAL C 222 1.70 -7.85 27.00
C VAL C 222 2.32 -9.01 27.76
N GLU C 223 3.48 -9.47 27.30
CA GLU C 223 4.20 -10.58 27.95
C GLU C 223 5.61 -10.10 28.26
N GLU C 224 5.99 -10.11 29.54
CA GLU C 224 7.31 -9.61 29.92
C GLU C 224 8.53 -10.32 29.32
N ASN C 225 8.46 -11.63 29.16
CA ASN C 225 9.59 -12.36 28.59
C ASN C 225 9.43 -12.40 27.07
N PRO C 226 10.32 -11.70 26.34
CA PRO C 226 10.22 -11.68 24.88
C PRO C 226 10.33 -13.04 24.19
N LEU C 227 10.93 -14.01 24.86
CA LEU C 227 11.05 -15.35 24.27
C LEU C 227 9.67 -15.98 24.22
N PHE C 228 8.94 -15.86 25.34
CA PHE C 228 7.60 -16.39 25.44
C PHE C 228 6.67 -15.59 24.54
N ALA C 229 6.84 -14.29 24.55
CA ALA C 229 6.03 -13.39 23.72
C ALA C 229 6.17 -13.78 22.24
N ALA C 230 7.41 -13.93 21.80
CA ALA C 230 7.66 -14.29 20.40
C ALA C 230 7.10 -15.66 20.05
N ILE C 231 7.24 -16.62 20.96
CA ILE C 231 6.69 -17.95 20.70
C ILE C 231 5.16 -17.85 20.58
N ALA C 232 4.53 -17.11 21.47
CA ALA C 232 3.07 -16.98 21.43
C ALA C 232 2.62 -16.28 20.14
N ALA C 233 3.37 -15.25 19.72
CA ALA C 233 3.04 -14.51 18.52
C ALA C 233 3.14 -15.35 17.25
N ILE C 234 4.28 -15.99 17.07
CA ILE C 234 4.53 -16.81 15.89
C ILE C 234 3.53 -17.95 15.80
N SER C 235 3.22 -18.54 16.95
CA SER C 235 2.26 -19.65 17.01
C SER C 235 0.85 -19.18 16.64
N SER C 236 0.41 -18.08 17.26
CA SER C 236 -0.92 -17.56 17.00
C SER C 236 -1.08 -17.18 15.53
N TYR C 237 -0.08 -16.47 15.02
CA TYR C 237 -0.05 -16.05 13.62
C TYR C 237 -0.08 -17.25 12.67
N GLY C 238 0.71 -18.27 13.00
CA GLY C 238 0.75 -19.46 12.16
C GLY C 238 -0.57 -20.21 12.16
N VAL C 239 -1.20 -20.30 13.34
CA VAL C 239 -2.49 -20.99 13.43
C VAL C 239 -3.49 -20.22 12.57
N ALA C 240 -3.47 -18.89 12.66
CA ALA C 240 -4.39 -18.08 11.85
C ALA C 240 -4.14 -18.34 10.38
N ALA C 241 -2.86 -18.44 10.01
CA ALA C 241 -2.48 -18.70 8.62
C ALA C 241 -2.99 -20.06 8.13
N GLN C 242 -2.91 -21.07 8.99
CA GLN C 242 -3.40 -22.40 8.61
C GLN C 242 -4.91 -22.38 8.39
N LEU C 243 -5.65 -21.71 9.28
CA LEU C 243 -7.10 -21.61 9.15
C LEU C 243 -7.46 -20.83 7.90
N ALA C 244 -6.65 -19.82 7.58
CA ALA C 244 -6.89 -19.03 6.39
C ALA C 244 -6.64 -19.86 5.15
N ALA C 245 -5.57 -20.66 5.18
CA ALA C 245 -5.24 -21.51 4.05
C ALA C 245 -6.35 -22.53 3.78
N GLN C 246 -6.92 -23.07 4.86
CA GLN C 246 -7.98 -24.07 4.76
C GLN C 246 -9.12 -23.57 3.90
N GLN C 247 -9.53 -22.33 4.14
CA GLN C 247 -10.63 -21.75 3.41
C GLN C 247 -10.29 -21.19 2.03
N THR C 248 -9.02 -20.87 1.79
CA THR C 248 -8.61 -20.30 0.52
C THR C 248 -7.34 -20.86 -0.09
N ALA C 249 -7.04 -22.13 0.16
CA ALA C 249 -5.83 -22.74 -0.37
C ALA C 249 -5.92 -22.96 -1.88
N ASP C 250 -7.14 -23.11 -2.39
CA ASP C 250 -7.33 -23.33 -3.82
C ASP C 250 -7.69 -22.08 -4.63
N LYS C 251 -8.17 -21.05 -3.96
CA LYS C 251 -8.55 -19.83 -4.66
C LYS C 251 -7.33 -19.07 -5.17
N GLY C 252 -6.28 -19.01 -4.34
CA GLY C 252 -5.08 -18.29 -4.73
C GLY C 252 -4.53 -17.36 -3.67
N PRO C 253 -3.35 -16.78 -3.91
CA PRO C 253 -2.69 -15.87 -2.98
C PRO C 253 -3.45 -14.58 -2.69
N GLY C 254 -4.30 -14.17 -3.62
CA GLY C 254 -5.08 -12.96 -3.40
C GLY C 254 -6.10 -13.19 -2.31
N SER C 255 -6.88 -14.27 -2.45
CA SER C 255 -7.89 -14.59 -1.45
C SER C 255 -7.24 -14.93 -0.12
N PHE C 256 -6.10 -15.61 -0.16
CA PHE C 256 -5.39 -15.97 1.05
C PHE C 256 -4.97 -14.71 1.82
N GLN C 257 -4.47 -13.72 1.11
CA GLN C 257 -4.05 -12.46 1.75
C GLN C 257 -5.21 -11.91 2.58
N ILE C 258 -6.40 -11.84 1.97
CA ILE C 258 -7.59 -11.34 2.63
C ILE C 258 -8.03 -12.26 3.76
N GLU C 259 -7.93 -13.56 3.54
CA GLU C 259 -8.32 -14.54 4.54
C GLU C 259 -7.40 -14.51 5.75
N LEU C 260 -6.13 -14.16 5.54
CA LEU C 260 -5.19 -14.07 6.65
C LEU C 260 -5.68 -12.96 7.58
N LEU C 261 -6.06 -11.83 7.00
CA LEU C 261 -6.56 -10.70 7.78
C LEU C 261 -7.83 -11.15 8.50
N ASN C 262 -8.72 -11.84 7.80
CA ASN C 262 -9.94 -12.30 8.44
C ASN C 262 -9.62 -13.16 9.67
N LYS C 263 -8.77 -14.16 9.48
CA LYS C 263 -8.43 -15.09 10.56
C LYS C 263 -7.68 -14.48 11.73
N LEU C 264 -6.94 -13.41 11.51
CA LEU C 264 -6.24 -12.78 12.62
C LEU C 264 -7.29 -12.19 13.56
N SER C 265 -8.47 -11.88 13.04
CA SER C 265 -9.52 -11.35 13.90
C SER C 265 -10.38 -12.45 14.52
N THR C 266 -10.60 -13.53 13.77
CA THR C 266 -11.44 -14.62 14.28
C THR C 266 -10.74 -15.78 14.99
N VAL C 267 -9.42 -15.87 14.90
CA VAL C 267 -8.71 -16.96 15.57
C VAL C 267 -8.96 -16.85 17.07
N THR C 268 -9.18 -17.98 17.74
CA THR C 268 -9.47 -17.99 19.17
C THR C 268 -8.42 -18.66 20.02
N GLU C 269 -8.56 -18.48 21.33
CA GLU C 269 -7.65 -19.08 22.30
C GLU C 269 -7.72 -20.60 22.12
N GLN C 270 -8.91 -21.10 21.81
CA GLN C 270 -9.11 -22.52 21.61
C GLN C 270 -8.38 -23.04 20.38
N ASP C 271 -8.34 -22.24 19.32
CA ASP C 271 -7.63 -22.66 18.10
C ASP C 271 -6.14 -22.78 18.39
N VAL C 272 -5.60 -21.83 19.13
CA VAL C 272 -4.18 -21.86 19.46
C VAL C 272 -3.89 -23.06 20.37
N GLN C 273 -4.80 -23.34 21.29
CA GLN C 273 -4.63 -24.47 22.19
C GLN C 273 -4.61 -25.76 21.39
N GLU C 274 -5.50 -25.87 20.42
CA GLU C 274 -5.61 -27.07 19.61
C GLU C 274 -4.57 -27.25 18.51
N TRP C 275 -4.12 -26.16 17.89
CA TRP C 275 -3.18 -26.27 16.78
C TRP C 275 -1.73 -25.83 16.97
N ALA C 276 -1.44 -25.01 17.97
CA ALA C 276 -0.06 -24.56 18.17
C ALA C 276 0.88 -25.73 18.45
N THR C 277 1.99 -25.77 17.72
CA THR C 277 2.98 -26.84 17.89
C THR C 277 4.29 -26.21 18.34
N ILE C 278 4.56 -26.30 19.64
CA ILE C 278 5.73 -25.71 20.24
C ILE C 278 6.56 -26.81 20.91
N GLU C 279 7.84 -26.89 20.55
CA GLU C 279 8.73 -27.92 21.09
C GLU C 279 10.00 -27.36 21.71
N ARG C 280 10.23 -27.70 22.97
CA ARG C 280 11.42 -27.27 23.68
C ARG C 280 12.60 -28.10 23.18
N VAL C 281 13.72 -27.45 22.86
CA VAL C 281 14.90 -28.15 22.38
C VAL C 281 15.85 -28.29 23.57
N THR C 282 16.27 -29.52 23.85
CA THR C 282 17.18 -29.77 24.97
C THR C 282 18.57 -29.23 24.69
N VAL C 283 19.04 -28.35 25.57
CA VAL C 283 20.37 -27.77 25.43
C VAL C 283 21.16 -28.08 26.70
N SER C 284 22.16 -28.93 26.56
CA SER C 284 23.01 -29.32 27.70
C SER C 284 24.37 -29.83 27.21
S SO4 D . -1.48 2.51 -12.27
O1 SO4 D . -2.41 1.93 -13.26
O2 SO4 D . -0.79 3.68 -12.85
O3 SO4 D . -2.22 2.92 -11.06
O4 SO4 D . -0.48 1.48 -11.91
S SO4 E . 7.88 -9.66 3.66
O1 SO4 E . 7.50 -11.05 3.90
O2 SO4 E . 9.36 -9.54 3.69
O3 SO4 E . 7.38 -9.24 2.33
O4 SO4 E . 7.29 -8.81 4.69
#